data_8HOO
#
_entry.id   8HOO
#
_cell.length_a   58.913
_cell.length_b   147.188
_cell.length_c   64.520
_cell.angle_alpha   90.00
_cell.angle_beta   97.99
_cell.angle_gamma   90.00
#
_symmetry.space_group_name_H-M   'P 1 21 1'
#
loop_
_entity.id
_entity.type
_entity.pdbx_description
1 polymer 'Bifunctional cytochrome P450/NADPH--P450 reductase'
2 polymer Im-C6-Tyr-Nap
3 non-polymer 'PROTOPORPHYRIN IX CONTAINING FE'
4 water water
#
loop_
_entity_poly.entity_id
_entity_poly.type
_entity_poly.pdbx_seq_one_letter_code
_entity_poly.pdbx_strand_id
1 'polypeptide(L)'
;GMTIKEMPQPKTFGELKNLPLLNTDKPVQALMKIADELGEIFKFEAPGRVTRYLSSQRLIKEACDESRFDKNLSQALKFV
RDFAGDGLATSWTHEKNWKKAHNILLPSFSQQAMKGYHAMMVDIAVQLVQKWERLNADEHIEVPEDMTRLTLDTIGLCGF
NYRFNSFYRDQPHPFITSMVRALDEAMNKLQRANPDDPAYDENKRQFQEDIKVMNDLVDKIIADRKASGEQSDDLLTHML
NGKDPETGEPLDDENIRYQIITFLIAGHETTSGLLSFALYFLVKNPHVLQKAAEEAARVLVDPVPSYKQVKQLKYVGMVL
NEALRLWPTAPAFSLYAKEDTVLGGEYPLEKGDELMVLIPQLHRDKTIWGDDVEEFRPERFENPSAIPQHAFKPFGNGQR
ACIGQQFALHEATLVLGMMLKHFDFEDHTNYELDIKETLTLKPEGFVVKAKSKKIPLLEHHHHHH
;
A,B
2 'polypeptide(L)' (I7X)Y(ALN) C,D
#
loop_
_chem_comp.id
_chem_comp.type
_chem_comp.name
_chem_comp.formula
HEM non-polymer 'PROTOPORPHYRIN IX CONTAINING FE' 'C34 H32 Fe N4 O4'
I7X non-polymer '6-imidazol-1-ylhexanoic acid' 'C9 H14 N2 O2'
#
# COMPACT_ATOMS: atom_id res chain seq x y z
N LYS A 5 -4.27 -21.47 -28.01
CA LYS A 5 -2.97 -21.42 -28.68
C LYS A 5 -3.00 -20.45 -29.87
N GLU A 6 -3.78 -20.80 -30.88
CA GLU A 6 -3.95 -19.93 -32.05
C GLU A 6 -4.80 -18.73 -31.66
N MET A 7 -4.20 -17.54 -31.69
CA MET A 7 -4.86 -16.35 -31.17
C MET A 7 -5.82 -15.78 -32.20
N PRO A 8 -7.05 -15.42 -31.81
CA PRO A 8 -7.97 -14.78 -32.77
C PRO A 8 -7.43 -13.45 -33.25
N GLN A 9 -7.91 -13.03 -34.42
CA GLN A 9 -7.46 -11.81 -35.06
C GLN A 9 -8.59 -11.28 -35.93
N PRO A 10 -8.88 -9.98 -35.90
CA PRO A 10 -9.97 -9.44 -36.70
C PRO A 10 -9.56 -9.34 -38.17
N LYS A 11 -10.49 -8.86 -38.99
CA LYS A 11 -10.30 -8.87 -40.44
C LYS A 11 -9.12 -7.99 -40.83
N THR A 12 -8.48 -8.35 -41.95
CA THR A 12 -7.25 -7.71 -42.37
C THR A 12 -7.46 -6.98 -43.70
N PHE A 13 -6.53 -6.06 -43.97
CA PHE A 13 -6.60 -5.21 -45.16
C PHE A 13 -5.32 -5.35 -45.96
N GLY A 14 -5.01 -6.57 -46.40
CA GLY A 14 -3.81 -6.79 -47.19
C GLY A 14 -2.57 -6.35 -46.45
N GLU A 15 -1.79 -5.48 -47.10
CA GLU A 15 -0.53 -5.03 -46.52
C GLU A 15 -0.75 -4.18 -45.28
N LEU A 16 -1.90 -3.52 -45.17
CA LEU A 16 -2.19 -2.70 -44.01
C LEU A 16 -2.61 -3.52 -42.79
N LYS A 17 -2.81 -4.81 -42.94
CA LYS A 17 -3.14 -5.74 -41.84
C LYS A 17 -4.41 -5.23 -41.15
N ASN A 18 -4.42 -5.06 -39.83
CA ASN A 18 -5.61 -4.63 -39.11
C ASN A 18 -5.73 -3.12 -38.97
N LEU A 19 -4.69 -2.36 -39.31
CA LEU A 19 -4.65 -0.93 -38.98
C LEU A 19 -5.86 -0.14 -39.46
N PRO A 20 -6.41 -0.32 -40.67
CA PRO A 20 -7.58 0.48 -41.06
C PRO A 20 -8.80 0.30 -40.16
N LEU A 21 -8.83 -0.76 -39.34
CA LEU A 21 -9.92 -0.89 -38.38
C LEU A 21 -9.97 0.27 -37.41
N LEU A 22 -8.83 0.91 -37.16
CA LEU A 22 -8.77 2.05 -36.24
C LEU A 22 -9.01 3.38 -36.94
N ASN A 23 -9.13 3.39 -38.27
CA ASN A 23 -9.43 4.60 -39.02
C ASN A 23 -10.95 4.84 -38.96
N THR A 24 -11.42 5.17 -37.75
CA THR A 24 -12.83 5.39 -37.49
C THR A 24 -12.95 6.42 -36.37
N ASP A 25 -14.14 7.02 -36.25
CA ASP A 25 -14.31 8.07 -35.25
C ASP A 25 -14.46 7.53 -33.85
N LYS A 26 -14.80 6.26 -33.69
CA LYS A 26 -15.04 5.66 -32.38
C LYS A 26 -14.21 4.39 -32.25
N PRO A 27 -12.88 4.51 -32.15
CA PRO A 27 -12.04 3.31 -32.18
C PRO A 27 -12.18 2.42 -30.96
N VAL A 28 -12.37 3.00 -29.76
CA VAL A 28 -12.53 2.16 -28.57
C VAL A 28 -13.80 1.32 -28.68
N GLN A 29 -14.90 1.96 -29.08
CA GLN A 29 -16.15 1.22 -29.25
C GLN A 29 -16.03 0.19 -30.36
N ALA A 30 -15.26 0.49 -31.41
CA ALA A 30 -14.96 -0.52 -32.43
C ALA A 30 -14.19 -1.68 -31.83
N LEU A 31 -13.18 -1.39 -31.01
CA LEU A 31 -12.39 -2.45 -30.38
C LEU A 31 -13.23 -3.28 -29.42
N MET A 32 -14.18 -2.64 -28.73
CA MET A 32 -15.07 -3.39 -27.84
C MET A 32 -15.92 -4.38 -28.64
N LYS A 33 -16.40 -3.96 -29.81
CA LYS A 33 -17.22 -4.84 -30.64
C LYS A 33 -16.42 -6.01 -31.18
N ILE A 34 -15.15 -5.78 -31.54
CA ILE A 34 -14.27 -6.88 -31.94
C ILE A 34 -14.08 -7.85 -30.79
N ALA A 35 -13.90 -7.33 -29.57
CA ALA A 35 -13.77 -8.19 -28.40
C ALA A 35 -15.03 -9.01 -28.17
N ASP A 36 -16.21 -8.42 -28.40
CA ASP A 36 -17.45 -9.18 -28.31
C ASP A 36 -17.42 -10.39 -29.24
N GLU A 37 -16.92 -10.19 -30.46
CA GLU A 37 -16.89 -11.27 -31.46
C GLU A 37 -15.78 -12.27 -31.18
N LEU A 38 -14.59 -11.80 -30.83
CA LEU A 38 -13.41 -12.67 -30.78
C LEU A 38 -13.06 -13.17 -29.39
N GLY A 39 -13.50 -12.50 -28.34
CA GLY A 39 -13.29 -12.99 -26.99
C GLY A 39 -12.22 -12.28 -26.18
N GLU A 40 -11.66 -12.99 -25.21
CA GLU A 40 -10.84 -12.37 -24.18
C GLU A 40 -9.51 -11.84 -24.69
N ILE A 41 -9.07 -12.26 -25.88
CA ILE A 41 -7.79 -11.81 -26.42
C ILE A 41 -7.84 -11.93 -27.94
N PHE A 42 -7.36 -10.89 -28.61
CA PHE A 42 -7.14 -10.97 -30.05
C PHE A 42 -5.89 -10.20 -30.42
N LYS A 43 -5.20 -10.68 -31.44
CA LYS A 43 -4.01 -10.02 -31.95
C LYS A 43 -4.42 -8.89 -32.88
N PHE A 44 -3.65 -7.79 -32.83
CA PHE A 44 -3.89 -6.64 -33.69
C PHE A 44 -2.56 -6.27 -34.34
N GLU A 45 -2.49 -6.43 -35.67
CA GLU A 45 -1.27 -6.18 -36.41
C GLU A 45 -1.42 -4.92 -37.26
N ALA A 46 -0.32 -4.17 -37.36
CA ALA A 46 -0.20 -3.03 -38.26
C ALA A 46 1.21 -3.08 -38.84
N PRO A 47 1.51 -2.34 -39.91
CA PRO A 47 2.90 -2.29 -40.39
C PRO A 47 3.86 -1.89 -39.29
N GLY A 48 4.79 -2.79 -38.97
CA GLY A 48 5.82 -2.52 -37.98
C GLY A 48 5.39 -2.57 -36.53
N ARG A 49 4.21 -3.11 -36.23
CA ARG A 49 3.76 -3.15 -34.84
C ARG A 49 2.72 -4.24 -34.67
N VAL A 50 2.87 -5.05 -33.62
CA VAL A 50 1.89 -6.03 -33.21
C VAL A 50 1.58 -5.82 -31.74
N THR A 51 0.30 -5.92 -31.38
CA THR A 51 -0.12 -5.86 -29.99
C THR A 51 -1.26 -6.86 -29.78
N ARG A 52 -1.67 -7.00 -28.52
CA ARG A 52 -2.72 -7.94 -28.14
C ARG A 52 -3.66 -7.25 -27.18
N TYR A 53 -4.95 -7.23 -27.51
CA TYR A 53 -5.96 -6.57 -26.69
C TYR A 53 -6.57 -7.59 -25.73
N LEU A 54 -6.52 -7.30 -24.43
CA LEU A 54 -7.04 -8.16 -23.39
C LEU A 54 -8.35 -7.60 -22.84
N SER A 55 -9.31 -8.50 -22.58
CA SER A 55 -10.63 -8.09 -22.13
C SER A 55 -11.15 -8.88 -20.92
N SER A 56 -10.49 -9.93 -20.48
CA SER A 56 -10.97 -10.76 -19.39
C SER A 56 -10.15 -10.51 -18.13
N GLN A 57 -10.82 -10.58 -16.98
CA GLN A 57 -10.11 -10.51 -15.71
C GLN A 57 -9.10 -11.65 -15.58
N ARG A 58 -9.41 -12.81 -16.16
CA ARG A 58 -8.52 -13.97 -16.07
C ARG A 58 -7.13 -13.65 -16.63
N LEU A 59 -7.07 -12.99 -17.78
CA LEU A 59 -5.79 -12.66 -18.40
C LEU A 59 -5.21 -11.35 -17.89
N ILE A 60 -6.06 -10.37 -17.57
CA ILE A 60 -5.57 -9.06 -17.16
C ILE A 60 -4.93 -9.12 -15.78
N LYS A 61 -5.40 -10.03 -14.92
CA LYS A 61 -4.74 -10.18 -13.62
C LYS A 61 -3.30 -10.66 -13.79
N GLU A 62 -3.02 -11.42 -14.85
CA GLU A 62 -1.64 -11.76 -15.15
C GLU A 62 -0.89 -10.58 -15.75
N ALA A 63 -1.55 -9.83 -16.63
CA ALA A 63 -0.91 -8.65 -17.21
C ALA A 63 -0.55 -7.62 -16.15
N CYS A 64 -1.31 -7.58 -15.05
CA CYS A 64 -1.04 -6.65 -13.98
C CYS A 64 0.02 -7.15 -13.02
N ASP A 65 0.64 -8.29 -13.31
CA ASP A 65 1.77 -8.79 -12.52
C ASP A 65 3.00 -7.97 -12.90
N GLU A 66 3.41 -7.06 -12.00
CA GLU A 66 4.49 -6.15 -12.31
C GLU A 66 5.84 -6.86 -12.42
N SER A 67 5.95 -8.08 -11.92
CA SER A 67 7.17 -8.85 -12.12
C SER A 67 7.29 -9.35 -13.55
N ARG A 68 6.19 -9.40 -14.29
CA ARG A 68 6.18 -9.93 -15.66
C ARG A 68 5.95 -8.86 -16.73
N PHE A 69 5.27 -7.77 -16.40
CA PHE A 69 4.93 -6.75 -17.37
C PHE A 69 5.13 -5.36 -16.78
N ASP A 70 5.60 -4.44 -17.62
CA ASP A 70 5.82 -3.05 -17.25
C ASP A 70 4.99 -2.17 -18.17
N LYS A 71 4.76 -0.93 -17.74
CA LYS A 71 4.00 0.01 -18.57
C LYS A 71 4.72 0.29 -19.87
N ASN A 72 3.99 0.22 -20.98
CA ASN A 72 4.48 0.62 -22.29
C ASN A 72 3.84 1.93 -22.70
N LEU A 73 4.58 2.75 -23.45
CA LEU A 73 4.03 3.96 -24.04
C LEU A 73 3.34 3.60 -25.35
N SER A 74 2.02 3.68 -25.37
CA SER A 74 1.26 3.55 -26.61
C SER A 74 1.65 4.67 -27.58
N GLN A 75 1.24 4.50 -28.84
CA GLN A 75 1.47 5.57 -29.80
C GLN A 75 0.78 6.86 -29.39
N ALA A 76 -0.39 6.76 -28.74
CA ALA A 76 -1.05 7.95 -28.22
C ALA A 76 -0.17 8.65 -27.20
N LEU A 77 0.37 7.91 -26.23
CA LEU A 77 1.24 8.51 -25.22
C LEU A 77 2.52 9.04 -25.84
N LYS A 78 3.05 8.36 -26.86
CA LYS A 78 4.25 8.83 -27.54
C LYS A 78 4.01 10.19 -28.17
N PHE A 79 2.83 10.39 -28.79
CA PHE A 79 2.52 11.69 -29.37
C PHE A 79 2.27 12.74 -28.30
N VAL A 80 1.67 12.34 -27.17
CA VAL A 80 1.45 13.28 -26.07
C VAL A 80 2.77 13.69 -25.44
N ARG A 81 3.77 12.78 -25.43
CA ARG A 81 5.06 13.10 -24.84
C ARG A 81 5.73 14.29 -25.50
N ASP A 82 5.37 14.63 -26.74
CA ASP A 82 5.98 15.77 -27.41
C ASP A 82 5.67 17.10 -26.71
N PHE A 83 4.59 17.18 -25.93
CA PHE A 83 4.36 18.35 -25.10
C PHE A 83 4.21 18.02 -23.62
N ALA A 84 4.01 16.76 -23.25
CA ALA A 84 4.03 16.35 -21.85
C ALA A 84 5.43 15.97 -21.36
N GLY A 85 6.38 15.78 -22.26
CA GLY A 85 7.77 15.53 -21.88
C GLY A 85 7.92 14.28 -21.04
N ASP A 86 8.83 14.33 -20.08
CA ASP A 86 9.03 13.21 -19.16
C ASP A 86 8.31 13.45 -17.84
N GLY A 87 7.11 14.03 -17.89
CA GLY A 87 6.19 13.94 -16.79
C GLY A 87 5.78 12.50 -16.51
N LEU A 88 5.07 12.32 -15.41
CA LEU A 88 4.78 10.97 -14.91
C LEU A 88 4.07 10.12 -15.94
N ALA A 89 3.09 10.68 -16.67
CA ALA A 89 2.22 9.86 -17.50
C ALA A 89 2.87 9.44 -18.81
N THR A 90 3.86 10.19 -19.31
CA THR A 90 4.49 9.90 -20.59
C THR A 90 5.97 9.54 -20.44
N SER A 91 6.39 9.09 -19.27
CA SER A 91 7.76 8.66 -19.04
CA SER A 91 7.76 8.66 -19.04
C SER A 91 7.79 7.15 -18.79
N TRP A 92 8.90 6.54 -19.16
CA TRP A 92 9.11 5.12 -18.91
C TRP A 92 9.49 4.89 -17.46
N THR A 93 9.14 3.71 -16.94
CA THR A 93 9.44 3.39 -15.54
C THR A 93 10.95 3.47 -15.27
N HIS A 94 11.76 3.17 -16.28
CA HIS A 94 13.21 3.15 -16.13
C HIS A 94 13.87 4.51 -16.30
N GLU A 95 13.10 5.56 -16.60
CA GLU A 95 13.66 6.90 -16.67
C GLU A 95 13.83 7.47 -15.26
N LYS A 96 14.99 8.07 -15.01
CA LYS A 96 15.29 8.61 -13.69
C LYS A 96 14.22 9.58 -13.21
N ASN A 97 13.68 10.39 -14.11
CA ASN A 97 12.70 11.38 -13.69
C ASN A 97 11.34 10.78 -13.34
N TRP A 98 11.05 9.55 -13.77
CA TRP A 98 9.78 8.96 -13.35
C TRP A 98 9.82 8.59 -11.86
N LYS A 99 10.82 7.79 -11.46
CA LYS A 99 10.90 7.34 -10.07
C LYS A 99 11.10 8.51 -9.14
N LYS A 100 11.87 9.51 -9.56
CA LYS A 100 12.06 10.70 -8.76
C LYS A 100 10.75 11.44 -8.52
N ALA A 101 10.02 11.75 -9.59
CA ALA A 101 8.75 12.46 -9.45
C ALA A 101 7.71 11.60 -8.74
N HIS A 102 7.70 10.30 -9.03
CA HIS A 102 6.80 9.38 -8.35
C HIS A 102 6.98 9.45 -6.83
N ASN A 103 8.23 9.37 -6.37
CA ASN A 103 8.51 9.41 -4.93
C ASN A 103 8.15 10.77 -4.33
N ILE A 104 8.42 11.84 -5.07
CA ILE A 104 8.19 13.19 -4.54
C ILE A 104 6.70 13.50 -4.49
N LEU A 105 5.96 13.09 -5.52
CA LEU A 105 4.58 13.53 -5.69
C LEU A 105 3.55 12.65 -5.00
N LEU A 106 3.89 11.39 -4.74
CA LEU A 106 2.94 10.47 -4.12
C LEU A 106 2.37 10.99 -2.80
N PRO A 107 3.18 11.55 -1.88
CA PRO A 107 2.56 12.11 -0.65
C PRO A 107 1.63 13.28 -0.91
N SER A 108 1.88 14.06 -1.96
CA SER A 108 1.03 15.20 -2.29
C SER A 108 -0.26 14.80 -3.00
N PHE A 109 -0.42 13.53 -3.35
CA PHE A 109 -1.65 13.03 -3.98
C PHE A 109 -2.39 12.04 -3.10
N SER A 110 -1.99 11.86 -1.85
CA SER A 110 -2.64 10.90 -0.98
C SER A 110 -4.06 11.36 -0.64
N GLN A 111 -4.84 10.43 -0.09
CA GLN A 111 -6.16 10.78 0.43
C GLN A 111 -6.08 11.86 1.49
N GLN A 112 -5.09 11.76 2.39
CA GLN A 112 -4.91 12.76 3.43
C GLN A 112 -4.53 14.12 2.85
N ALA A 113 -3.82 14.13 1.71
CA ALA A 113 -3.43 15.40 1.12
C ALA A 113 -4.60 16.14 0.50
N MET A 114 -5.73 15.45 0.26
CA MET A 114 -6.91 16.11 -0.29
C MET A 114 -7.49 17.13 0.68
N LYS A 115 -7.22 16.99 1.98
CA LYS A 115 -7.65 18.00 2.94
C LYS A 115 -7.12 19.38 2.58
N GLY A 116 -5.87 19.44 2.08
CA GLY A 116 -5.27 20.72 1.73
C GLY A 116 -5.75 21.31 0.43
N TYR A 117 -6.27 20.49 -0.48
CA TYR A 117 -6.83 20.97 -1.74
C TYR A 117 -8.32 21.26 -1.67
N HIS A 118 -8.99 20.81 -0.60
CA HIS A 118 -10.46 20.85 -0.55
C HIS A 118 -10.99 22.28 -0.74
N ALA A 119 -10.33 23.27 -0.13
CA ALA A 119 -10.83 24.63 -0.20
C ALA A 119 -10.79 25.18 -1.62
N MET A 120 -9.71 24.91 -2.36
CA MET A 120 -9.65 25.36 -3.75
C MET A 120 -10.64 24.61 -4.63
N MET A 121 -10.89 23.33 -4.35
CA MET A 121 -11.92 22.60 -5.09
C MET A 121 -13.29 23.19 -4.84
N VAL A 122 -13.57 23.58 -3.60
CA VAL A 122 -14.85 24.20 -3.27
C VAL A 122 -15.00 25.53 -4.00
N ASP A 123 -13.91 26.29 -4.10
CA ASP A 123 -13.94 27.58 -4.79
C ASP A 123 -14.51 27.43 -6.20
N ILE A 124 -13.98 26.48 -6.97
CA ILE A 124 -14.44 26.29 -8.34
C ILE A 124 -15.83 25.67 -8.37
N ALA A 125 -16.10 24.75 -7.44
CA ALA A 125 -17.41 24.09 -7.39
C ALA A 125 -18.52 25.11 -7.11
N VAL A 126 -18.24 26.09 -6.25
CA VAL A 126 -19.24 27.12 -5.95
C VAL A 126 -19.49 27.98 -7.18
N GLN A 127 -18.46 28.24 -7.99
CA GLN A 127 -18.65 28.97 -9.24
C GLN A 127 -19.58 28.21 -10.18
N LEU A 128 -19.40 26.89 -10.26
CA LEU A 128 -20.29 26.08 -11.10
C LEU A 128 -21.74 26.17 -10.62
N VAL A 129 -21.96 25.97 -9.32
CA VAL A 129 -23.31 26.05 -8.79
C VAL A 129 -23.91 27.43 -9.04
N GLN A 130 -23.11 28.48 -8.83
CA GLN A 130 -23.61 29.84 -9.03
C GLN A 130 -24.00 30.08 -10.49
N LYS A 131 -23.22 29.55 -11.43
CA LYS A 131 -23.61 29.68 -12.84
C LYS A 131 -24.97 29.06 -13.09
N TRP A 132 -25.19 27.85 -12.58
CA TRP A 132 -26.47 27.17 -12.80
C TRP A 132 -27.60 27.83 -12.02
N GLU A 133 -27.32 28.39 -10.84
CA GLU A 133 -28.33 29.13 -10.12
C GLU A 133 -28.80 30.35 -10.92
N ARG A 134 -27.93 30.89 -11.77
CA ARG A 134 -28.18 32.14 -12.48
C ARG A 134 -28.70 31.95 -13.89
N LEU A 135 -28.99 30.71 -14.29
CA LEU A 135 -29.61 30.48 -15.59
C LEU A 135 -31.08 30.92 -15.56
N ASN A 136 -31.56 31.39 -16.69
CA ASN A 136 -32.97 31.78 -16.76
C ASN A 136 -33.83 30.54 -16.99
N ALA A 137 -35.15 30.73 -16.84
CA ALA A 137 -36.08 29.63 -17.05
C ALA A 137 -35.93 29.07 -18.45
N ASP A 138 -35.98 27.74 -18.56
CA ASP A 138 -35.90 27.01 -19.83
C ASP A 138 -34.54 27.15 -20.49
N GLU A 139 -33.58 27.82 -19.85
CA GLU A 139 -32.22 27.59 -20.31
C GLU A 139 -31.74 26.21 -19.88
N HIS A 140 -30.71 25.74 -20.56
CA HIS A 140 -30.22 24.39 -20.31
C HIS A 140 -28.71 24.41 -20.09
N ILE A 141 -28.21 23.26 -19.66
CA ILE A 141 -26.82 23.09 -19.31
C ILE A 141 -26.17 22.22 -20.37
N GLU A 142 -24.99 22.65 -20.84
CA GLU A 142 -24.15 21.81 -21.68
C GLU A 142 -23.19 21.10 -20.73
N VAL A 143 -23.48 19.84 -20.44
CA VAL A 143 -22.90 19.16 -19.28
C VAL A 143 -21.40 18.94 -19.44
N PRO A 144 -20.91 18.25 -20.48
CA PRO A 144 -19.44 18.06 -20.56
C PRO A 144 -18.68 19.35 -20.72
N GLU A 145 -19.29 20.37 -21.34
CA GLU A 145 -18.62 21.66 -21.48
C GLU A 145 -18.40 22.32 -20.13
N ASP A 146 -19.42 22.34 -19.28
CA ASP A 146 -19.27 22.95 -17.96
C ASP A 146 -18.39 22.10 -17.04
N MET A 147 -18.51 20.76 -17.14
CA MET A 147 -17.65 19.90 -16.33
C MET A 147 -16.18 20.11 -16.67
N THR A 148 -15.88 20.36 -17.95
CA THR A 148 -14.50 20.59 -18.35
C THR A 148 -14.01 21.96 -17.88
N ARG A 149 -14.89 22.97 -17.91
CA ARG A 149 -14.57 24.24 -17.25
C ARG A 149 -14.23 24.02 -15.78
N LEU A 150 -15.01 23.16 -15.11
CA LEU A 150 -14.85 22.91 -13.65
C LEU A 150 -13.55 22.17 -13.32
N THR A 151 -13.17 21.16 -14.12
CA THR A 151 -11.99 20.35 -13.81
C THR A 151 -10.70 21.07 -14.21
N LEU A 152 -10.72 21.77 -15.34
CA LEU A 152 -9.56 22.55 -15.76
C LEU A 152 -9.20 23.60 -14.72
N ASP A 153 -10.19 24.38 -14.27
CA ASP A 153 -9.92 25.44 -13.31
C ASP A 153 -9.51 24.87 -11.95
N THR A 154 -10.09 23.73 -11.56
CA THR A 154 -9.72 23.12 -10.29
C THR A 154 -8.28 22.61 -10.32
N ILE A 155 -7.86 21.98 -11.41
CA ILE A 155 -6.48 21.52 -11.52
C ILE A 155 -5.53 22.70 -11.61
N GLY A 156 -5.91 23.76 -12.33
CA GLY A 156 -5.06 24.94 -12.38
C GLY A 156 -4.86 25.58 -11.02
N LEU A 157 -5.92 25.62 -10.21
CA LEU A 157 -5.82 26.22 -8.89
C LEU A 157 -5.03 25.33 -7.93
N CYS A 158 -5.38 24.04 -7.86
CA CYS A 158 -4.66 23.13 -6.97
C CYS A 158 -3.28 22.80 -7.51
N GLY A 159 -3.07 22.90 -8.81
CA GLY A 159 -1.80 22.54 -9.41
C GLY A 159 -0.74 23.62 -9.26
N PHE A 160 -1.07 24.86 -9.64
CA PHE A 160 -0.10 25.94 -9.57
C PHE A 160 -0.74 27.28 -9.22
N ASN A 161 -1.88 27.25 -8.54
CA ASN A 161 -2.52 28.46 -7.99
C ASN A 161 -2.74 29.52 -9.07
N TYR A 162 -3.19 29.06 -10.24
CA TYR A 162 -3.49 29.94 -11.37
C TYR A 162 -4.96 29.79 -11.73
N ARG A 163 -5.61 30.92 -12.02
CA ARG A 163 -7.02 30.94 -12.34
C ARG A 163 -7.18 31.12 -13.84
N PHE A 164 -7.58 30.04 -14.53
CA PHE A 164 -7.94 30.15 -15.94
C PHE A 164 -9.25 30.89 -16.12
N ASN A 165 -10.07 30.97 -15.08
CA ASN A 165 -11.34 31.72 -15.11
C ASN A 165 -12.24 31.26 -16.26
N SER A 166 -12.39 29.94 -16.38
CA SER A 166 -13.13 29.36 -17.50
C SER A 166 -14.61 29.74 -17.47
N PHE A 167 -15.17 30.01 -16.28
CA PHE A 167 -16.57 30.37 -16.20
C PHE A 167 -16.84 31.83 -16.53
N TYR A 168 -15.79 32.60 -16.86
CA TYR A 168 -15.94 33.97 -17.33
C TYR A 168 -15.78 34.08 -18.84
N ARG A 169 -15.73 32.95 -19.55
CA ARG A 169 -15.31 32.96 -20.94
C ARG A 169 -16.18 32.04 -21.78
N ASP A 170 -16.33 32.39 -23.05
CA ASP A 170 -16.74 31.48 -24.11
C ASP A 170 -15.54 30.87 -24.81
N GLN A 171 -14.52 31.69 -25.09
CA GLN A 171 -13.25 31.21 -25.59
C GLN A 171 -12.29 31.03 -24.43
N PRO A 172 -11.78 29.82 -24.20
CA PRO A 172 -10.97 29.58 -23.00
C PRO A 172 -9.67 30.38 -23.00
N HIS A 173 -9.07 30.44 -21.81
CA HIS A 173 -7.73 30.99 -21.65
C HIS A 173 -6.79 30.41 -22.69
N PRO A 174 -5.94 31.22 -23.31
CA PRO A 174 -5.08 30.73 -24.42
C PRO A 174 -4.29 29.46 -24.10
N PHE A 175 -3.87 29.25 -22.84
CA PHE A 175 -3.20 27.99 -22.51
C PHE A 175 -4.12 26.80 -22.79
N ILE A 176 -5.38 26.91 -22.39
CA ILE A 176 -6.32 25.79 -22.56
C ILE A 176 -6.55 25.55 -24.05
N THR A 177 -6.76 26.61 -24.83
CA THR A 177 -6.93 26.46 -26.27
C THR A 177 -5.73 25.77 -26.90
N SER A 178 -4.52 26.20 -26.53
CA SER A 178 -3.32 25.56 -27.04
C SER A 178 -3.21 24.10 -26.57
N MET A 179 -3.52 23.84 -25.30
CA MET A 179 -3.45 22.47 -24.80
C MET A 179 -4.45 21.57 -25.51
N VAL A 180 -5.71 22.03 -25.62
CA VAL A 180 -6.75 21.22 -26.26
C VAL A 180 -6.40 20.98 -27.73
N ARG A 181 -5.87 21.99 -28.41
CA ARG A 181 -5.51 21.83 -29.81
C ARG A 181 -4.28 20.92 -29.98
N ALA A 182 -3.33 20.99 -29.04
CA ALA A 182 -2.20 20.07 -29.06
C ALA A 182 -2.66 18.64 -28.87
N LEU A 183 -3.56 18.40 -27.90
CA LEU A 183 -4.11 17.07 -27.70
C LEU A 183 -4.84 16.57 -28.95
N ASP A 184 -5.65 17.43 -29.57
CA ASP A 184 -6.36 17.03 -30.77
C ASP A 184 -5.41 16.62 -31.89
N GLU A 185 -4.32 17.38 -32.07
CA GLU A 185 -3.32 17.04 -33.07
C GLU A 185 -2.63 15.72 -32.74
N ALA A 186 -2.25 15.52 -31.47
CA ALA A 186 -1.67 14.24 -31.07
C ALA A 186 -2.62 13.09 -31.37
N MET A 187 -3.92 13.28 -31.08
CA MET A 187 -4.90 12.26 -31.38
C MET A 187 -5.08 12.07 -32.88
N ASN A 188 -5.14 13.17 -33.64
CA ASN A 188 -5.35 13.07 -35.09
C ASN A 188 -4.18 12.40 -35.79
N LYS A 189 -2.97 12.52 -35.22
CA LYS A 189 -1.80 11.88 -35.82
C LYS A 189 -1.91 10.37 -35.83
N LEU A 190 -2.73 9.78 -34.96
CA LEU A 190 -2.80 8.33 -34.83
C LEU A 190 -3.27 7.69 -36.14
N GLN A 191 -4.28 8.26 -36.78
CA GLN A 191 -4.86 7.69 -37.99
C GLN A 191 -4.58 8.55 -39.22
N ARG A 192 -3.46 9.26 -39.22
CA ARG A 192 -3.12 10.14 -40.32
C ARG A 192 -2.20 9.39 -41.28
N ALA A 193 -2.67 9.16 -42.49
CA ALA A 193 -1.89 8.44 -43.48
C ALA A 193 -0.99 9.40 -44.26
N PRO A 195 1.51 12.00 -43.38
CA PRO A 195 1.96 12.77 -42.22
C PRO A 195 2.97 13.85 -42.60
N ASP A 196 3.81 13.56 -43.59
CA ASP A 196 4.76 14.53 -44.13
C ASP A 196 4.19 15.30 -45.30
N ASP A 197 2.92 15.07 -45.65
CA ASP A 197 2.26 15.76 -46.75
C ASP A 197 2.18 17.26 -46.46
N PRO A 198 2.29 18.11 -47.48
CA PRO A 198 2.23 19.56 -47.25
C PRO A 198 0.93 20.05 -46.64
N ALA A 199 -0.16 19.28 -46.74
CA ALA A 199 -1.41 19.69 -46.13
C ALA A 199 -1.28 19.82 -44.61
N TYR A 200 -0.35 19.07 -44.02
CA TYR A 200 -0.12 19.06 -42.59
C TYR A 200 0.93 20.07 -42.14
N ASP A 201 1.52 20.83 -43.07
CA ASP A 201 2.48 21.86 -42.69
C ASP A 201 1.89 22.84 -41.69
N GLU A 202 0.64 23.27 -41.90
CA GLU A 202 -0.01 24.17 -40.96
C GLU A 202 -0.22 23.49 -39.61
N ASN A 203 -0.58 22.21 -39.63
CA ASN A 203 -0.72 21.45 -38.38
C ASN A 203 0.58 21.44 -37.60
N LYS A 204 1.71 21.23 -38.28
CA LYS A 204 3.00 21.20 -37.61
C LYS A 204 3.36 22.57 -37.04
N ARG A 205 3.14 23.64 -37.82
CA ARG A 205 3.40 24.98 -37.32
C ARG A 205 2.53 25.29 -36.11
N GLN A 206 1.24 24.96 -36.18
CA GLN A 206 0.35 25.19 -35.06
C GLN A 206 0.78 24.39 -33.83
N PHE A 207 1.26 23.16 -34.06
CA PHE A 207 1.68 22.30 -32.95
C PHE A 207 2.83 22.93 -32.17
N GLN A 208 3.87 23.37 -32.87
CA GLN A 208 5.00 24.01 -32.19
C GLN A 208 4.59 25.31 -31.51
N GLU A 209 3.65 26.04 -32.11
CA GLU A 209 3.18 27.27 -31.49
C GLU A 209 2.45 26.98 -30.19
N ASP A 210 1.62 25.93 -30.17
CA ASP A 210 0.88 25.59 -28.96
C ASP A 210 1.79 25.07 -27.86
N ILE A 211 2.83 24.32 -28.25
CA ILE A 211 3.84 23.88 -27.28
C ILE A 211 4.50 25.08 -26.62
N LYS A 212 4.86 26.09 -27.43
CA LYS A 212 5.50 27.28 -26.89
C LYS A 212 4.56 28.02 -25.94
N VAL A 213 3.27 28.09 -26.28
CA VAL A 213 2.30 28.73 -25.41
C VAL A 213 2.25 28.05 -24.06
N MET A 214 2.15 26.71 -24.05
CA MET A 214 2.07 25.98 -22.79
C MET A 214 3.36 26.13 -22.00
N ASN A 215 4.51 25.94 -22.65
CA ASN A 215 5.80 26.03 -21.95
C ASN A 215 6.02 27.43 -21.38
N ASP A 216 5.75 28.46 -22.19
CA ASP A 216 6.04 29.84 -21.75
C ASP A 216 5.22 30.21 -20.52
N LEU A 217 3.92 29.87 -20.51
CA LEU A 217 3.09 30.23 -19.37
C LEU A 217 3.52 29.50 -18.11
N VAL A 218 3.76 28.19 -18.21
CA VAL A 218 4.09 27.40 -17.03
C VAL A 218 5.49 27.75 -16.54
N ASP A 219 6.45 27.93 -17.46
CA ASP A 219 7.78 28.35 -17.06
C ASP A 219 7.75 29.70 -16.37
N LYS A 220 6.88 30.60 -16.82
CA LYS A 220 6.76 31.92 -16.20
C LYS A 220 6.22 31.82 -14.78
N ILE A 221 5.19 31.00 -14.57
CA ILE A 221 4.61 30.86 -13.23
C ILE A 221 5.61 30.24 -12.27
N ILE A 222 6.37 29.23 -12.71
CA ILE A 222 7.41 28.65 -11.88
C ILE A 222 8.45 29.70 -11.52
N ALA A 223 8.90 30.46 -12.51
CA ALA A 223 9.90 31.50 -12.26
C ALA A 223 9.34 32.58 -11.34
N ASP A 224 8.09 32.98 -11.57
CA ASP A 224 7.45 33.95 -10.67
C ASP A 224 7.41 33.42 -9.24
N ARG A 225 7.05 32.15 -9.06
CA ARG A 225 6.94 31.58 -7.72
C ARG A 225 8.30 31.51 -7.04
N LYS A 226 9.34 31.12 -7.77
CA LYS A 226 10.68 31.08 -7.19
C LYS A 226 11.14 32.48 -6.78
N ALA A 227 10.87 33.48 -7.61
CA ALA A 227 11.30 34.84 -7.29
C ALA A 227 10.53 35.41 -6.11
N SER A 228 9.22 35.15 -6.03
CA SER A 228 8.42 35.65 -4.92
C SER A 228 8.76 34.91 -3.63
N GLY A 229 9.06 33.62 -3.72
CA GLY A 229 9.29 32.82 -2.53
C GLY A 229 8.04 32.44 -1.77
N GLU A 230 6.86 32.74 -2.31
CA GLU A 230 5.62 32.51 -1.57
C GLU A 230 5.29 31.02 -1.52
N GLN A 231 4.59 30.63 -0.46
CA GLN A 231 4.19 29.25 -0.24
C GLN A 231 2.67 29.16 -0.33
N SER A 232 2.19 28.32 -1.23
CA SER A 232 0.76 28.07 -1.38
C SER A 232 0.45 26.61 -1.04
N ASP A 233 -0.83 26.27 -1.11
CA ASP A 233 -1.30 24.91 -0.89
C ASP A 233 -1.43 24.14 -2.21
N ASP A 234 -0.58 24.41 -3.18
CA ASP A 234 -0.66 23.80 -4.49
C ASP A 234 0.49 22.81 -4.69
N LEU A 235 0.38 22.03 -5.76
CA LEU A 235 1.41 21.05 -6.09
C LEU A 235 2.74 21.71 -6.48
N LEU A 236 2.68 22.94 -7.03
CA LEU A 236 3.91 23.62 -7.42
C LEU A 236 4.81 23.88 -6.22
N THR A 237 4.23 24.34 -5.10
CA THR A 237 5.02 24.54 -3.90
C THR A 237 5.65 23.23 -3.43
N HIS A 238 4.86 22.16 -3.39
CA HIS A 238 5.38 20.86 -2.98
C HIS A 238 6.53 20.41 -3.88
N MET A 239 6.45 20.71 -5.18
CA MET A 239 7.50 20.32 -6.10
C MET A 239 8.73 21.21 -5.99
N LEU A 240 8.55 22.50 -5.68
CA LEU A 240 9.70 23.38 -5.51
C LEU A 240 10.48 23.05 -4.24
N ASN A 241 9.82 22.50 -3.22
CA ASN A 241 10.47 22.20 -1.95
C ASN A 241 10.75 20.72 -1.75
N GLY A 242 10.26 19.84 -2.62
CA GLY A 242 10.37 18.41 -2.39
C GLY A 242 11.71 17.86 -2.82
N LYS A 243 12.10 16.77 -2.16
CA LYS A 243 13.36 16.06 -2.47
C LYS A 243 13.09 14.54 -2.44
N ASP A 244 13.44 13.86 -3.53
CA ASP A 244 13.33 12.41 -3.60
C ASP A 244 14.10 11.78 -2.46
N PRO A 245 13.45 11.03 -1.56
CA PRO A 245 14.20 10.39 -0.46
C PRO A 245 15.28 9.44 -0.95
N GLU A 246 15.10 8.85 -2.14
CA GLU A 246 16.05 7.89 -2.68
C GLU A 246 17.33 8.58 -3.16
N THR A 247 17.22 9.43 -4.18
CA THR A 247 18.38 10.11 -4.73
C THR A 247 18.77 11.35 -3.94
N GLY A 248 17.90 11.86 -3.08
CA GLY A 248 18.13 13.13 -2.43
C GLY A 248 18.00 14.33 -3.33
N GLU A 249 17.54 14.14 -4.62
CA GLU A 249 17.45 15.21 -5.60
C GLU A 249 16.02 15.75 -5.69
N PRO A 250 15.89 17.04 -5.96
CA PRO A 250 14.58 17.60 -6.34
C PRO A 250 14.38 17.55 -7.85
N LEU A 251 13.13 17.73 -8.25
CA LEU A 251 12.85 17.92 -9.67
C LEU A 251 13.43 19.24 -10.14
N ASP A 252 13.96 19.25 -11.36
CA ASP A 252 14.39 20.52 -11.92
C ASP A 252 13.19 21.26 -12.52
N ASP A 253 13.41 22.52 -12.89
CA ASP A 253 12.31 23.38 -13.31
C ASP A 253 11.64 22.85 -14.58
N GLU A 254 12.40 22.24 -15.48
CA GLU A 254 11.79 21.74 -16.71
C GLU A 254 10.85 20.57 -16.42
N ASN A 255 11.27 19.63 -15.58
CA ASN A 255 10.39 18.51 -15.25
C ASN A 255 9.17 18.98 -14.47
N ILE A 256 9.34 19.98 -13.60
CA ILE A 256 8.21 20.54 -12.86
C ILE A 256 7.17 21.09 -13.84
N ARG A 257 7.63 21.83 -14.86
CA ARG A 257 6.72 22.31 -15.89
C ARG A 257 5.98 21.15 -16.57
N TYR A 258 6.71 20.08 -16.89
CA TYR A 258 6.06 18.93 -17.52
C TYR A 258 5.06 18.25 -16.59
N GLN A 259 5.32 18.23 -15.29
CA GLN A 259 4.34 17.66 -14.36
C GLN A 259 3.07 18.51 -14.33
N ILE A 260 3.21 19.83 -14.34
CA ILE A 260 2.04 20.71 -14.33
C ILE A 260 1.22 20.52 -15.60
N ILE A 261 1.90 20.50 -16.75
CA ILE A 261 1.22 20.21 -18.02
C ILE A 261 0.55 18.84 -17.97
N THR A 262 1.22 17.86 -17.35
CA THR A 262 0.67 16.52 -17.26
C THR A 262 -0.59 16.47 -16.41
N PHE A 263 -0.60 17.17 -15.27
CA PHE A 263 -1.78 17.18 -14.41
C PHE A 263 -3.01 17.68 -15.18
N LEU A 264 -2.82 18.72 -15.98
CA LEU A 264 -3.93 19.26 -16.77
C LEU A 264 -4.33 18.30 -17.89
N ILE A 265 -3.36 17.72 -18.59
CA ILE A 265 -3.66 16.77 -19.66
C ILE A 265 -4.37 15.55 -19.11
N ALA A 266 -3.75 14.89 -18.12
CA ALA A 266 -4.23 13.60 -17.66
C ALA A 266 -5.51 13.72 -16.86
N GLY A 267 -5.73 14.85 -16.20
CA GLY A 267 -6.82 14.97 -15.25
C GLY A 267 -8.09 15.66 -15.72
N HIS A 268 -7.97 16.57 -16.69
CA HIS A 268 -9.09 17.47 -16.98
C HIS A 268 -10.22 16.74 -17.70
N GLU A 269 -9.90 15.91 -18.70
CA GLU A 269 -10.91 15.31 -19.56
C GLU A 269 -11.43 13.99 -18.98
N THR A 270 -10.54 13.22 -18.36
CA THR A 270 -10.96 12.02 -17.64
C THR A 270 -11.96 12.36 -16.54
N THR A 271 -11.66 13.40 -15.75
CA THR A 271 -12.52 13.72 -14.61
C THR A 271 -13.82 14.39 -15.05
N SER A 272 -13.78 15.24 -16.08
CA SER A 272 -15.00 15.86 -16.56
C SER A 272 -15.89 14.83 -17.25
N GLY A 273 -15.29 13.88 -17.95
CA GLY A 273 -16.06 12.80 -18.54
C GLY A 273 -16.73 11.94 -17.49
N LEU A 274 -16.04 11.68 -16.38
CA LEU A 274 -16.64 10.93 -15.27
C LEU A 274 -17.89 11.64 -14.74
N LEU A 275 -17.77 12.94 -14.46
CA LEU A 275 -18.92 13.69 -13.98
C LEU A 275 -20.05 13.70 -15.00
N SER A 276 -19.71 13.83 -16.29
CA SER A 276 -20.74 13.87 -17.32
C SER A 276 -21.44 12.52 -17.47
N PHE A 277 -20.69 11.42 -17.46
CA PHE A 277 -21.31 10.10 -17.52
C PHE A 277 -22.12 9.82 -16.26
N ALA A 278 -21.62 10.25 -15.10
CA ALA A 278 -22.37 10.07 -13.86
C ALA A 278 -23.74 10.72 -13.93
N LEU A 279 -23.78 12.00 -14.32
CA LEU A 279 -25.05 12.70 -14.42
C LEU A 279 -25.94 12.07 -15.48
N TYR A 280 -25.35 11.60 -16.58
CA TYR A 280 -26.12 10.91 -17.61
C TYR A 280 -26.85 9.70 -17.03
N PHE A 281 -26.12 8.82 -16.36
CA PHE A 281 -26.73 7.63 -15.80
C PHE A 281 -27.75 7.96 -14.71
N LEU A 282 -27.52 9.05 -13.96
CA LEU A 282 -28.47 9.43 -12.92
C LEU A 282 -29.81 9.86 -13.51
N VAL A 283 -29.79 10.76 -14.50
CA VAL A 283 -31.06 11.20 -15.08
C VAL A 283 -31.74 10.09 -15.86
N LYS A 284 -30.98 9.09 -16.32
CA LYS A 284 -31.58 7.93 -16.99
C LYS A 284 -32.08 6.88 -16.01
N ASN A 285 -31.78 7.03 -14.71
CA ASN A 285 -32.19 6.07 -13.68
C ASN A 285 -32.76 6.85 -12.51
N PRO A 286 -34.01 7.31 -12.61
CA PRO A 286 -34.56 8.23 -11.59
C PRO A 286 -34.55 7.69 -10.18
N HIS A 287 -34.68 6.37 -9.99
CA HIS A 287 -34.62 5.83 -8.65
C HIS A 287 -33.23 5.96 -8.05
N VAL A 288 -32.20 5.83 -8.89
CA VAL A 288 -30.84 6.02 -8.42
C VAL A 288 -30.55 7.48 -8.14
N LEU A 289 -31.03 8.37 -9.01
CA LEU A 289 -30.87 9.80 -8.76
C LEU A 289 -31.52 10.21 -7.44
N GLN A 290 -32.73 9.69 -7.17
CA GLN A 290 -33.40 10.05 -5.91
C GLN A 290 -32.63 9.55 -4.70
N LYS A 291 -32.06 8.35 -4.79
CA LYS A 291 -31.24 7.82 -3.70
C LYS A 291 -30.01 8.69 -3.46
N ALA A 292 -29.35 9.12 -4.54
CA ALA A 292 -28.15 9.96 -4.40
C ALA A 292 -28.52 11.36 -3.92
N ALA A 293 -29.66 11.89 -4.36
CA ALA A 293 -30.08 13.20 -3.89
C ALA A 293 -30.45 13.17 -2.41
N GLU A 294 -31.05 12.07 -1.96
CA GLU A 294 -31.35 11.91 -0.54
C GLU A 294 -30.08 11.94 0.29
N GLU A 295 -29.04 11.23 -0.14
CA GLU A 295 -27.78 11.22 0.60
C GLU A 295 -27.17 12.62 0.65
N ALA A 296 -27.13 13.31 -0.49
CA ALA A 296 -26.55 14.65 -0.54
C ALA A 296 -27.27 15.59 0.43
N ALA A 297 -28.61 15.51 0.47
CA ALA A 297 -29.36 16.36 1.39
C ALA A 297 -29.08 16.00 2.84
N ARG A 298 -28.93 14.70 3.14
CA ARG A 298 -28.73 14.27 4.52
C ARG A 298 -27.33 14.62 5.02
N VAL A 299 -26.33 14.55 4.14
CA VAL A 299 -24.94 14.69 4.57
C VAL A 299 -24.47 16.15 4.53
N LEU A 300 -24.84 16.89 3.49
CA LEU A 300 -24.30 18.23 3.26
C LEU A 300 -25.19 19.27 3.94
N VAL A 301 -25.11 19.28 5.27
CA VAL A 301 -25.97 20.14 6.08
C VAL A 301 -25.42 21.55 6.24
N ASP A 302 -24.23 21.83 5.70
CA ASP A 302 -23.63 23.15 5.83
C ASP A 302 -23.67 23.88 4.48
N PRO A 303 -23.66 25.21 4.48
CA PRO A 303 -23.69 25.94 3.20
C PRO A 303 -22.57 25.57 2.25
N VAL A 304 -21.42 25.16 2.80
CA VAL A 304 -20.26 24.74 2.03
C VAL A 304 -19.83 23.38 2.53
N PRO A 305 -19.61 22.39 1.66
CA PRO A 305 -19.23 21.06 2.15
C PRO A 305 -17.83 21.05 2.74
N SER A 306 -17.66 20.29 3.81
CA SER A 306 -16.35 20.07 4.39
C SER A 306 -15.72 18.83 3.78
N TYR A 307 -14.40 18.71 3.97
CA TYR A 307 -13.72 17.48 3.58
C TYR A 307 -14.35 16.27 4.23
N LYS A 308 -14.65 16.38 5.53
CA LYS A 308 -15.20 15.26 6.28
C LYS A 308 -16.56 14.83 5.71
N GLN A 309 -17.38 15.80 5.29
CA GLN A 309 -18.68 15.48 4.74
C GLN A 309 -18.57 14.77 3.39
N VAL A 310 -17.62 15.18 2.56
CA VAL A 310 -17.43 14.56 1.26
C VAL A 310 -17.16 13.06 1.42
N LYS A 311 -16.35 12.70 2.41
CA LYS A 311 -16.07 11.30 2.68
C LYS A 311 -17.33 10.52 3.09
N GLN A 312 -18.35 11.20 3.61
CA GLN A 312 -19.58 10.53 4.03
C GLN A 312 -20.54 10.26 2.87
N LEU A 313 -20.24 10.77 1.67
CA LEU A 313 -21.11 10.60 0.51
C LEU A 313 -20.83 9.22 -0.12
N LYS A 314 -21.19 8.18 0.64
CA LYS A 314 -20.85 6.81 0.24
C LYS A 314 -21.56 6.42 -1.05
N TYR A 315 -22.87 6.69 -1.15
CA TYR A 315 -23.61 6.29 -2.35
C TYR A 315 -23.17 7.08 -3.56
N VAL A 316 -22.89 8.38 -3.38
CA VAL A 316 -22.33 9.17 -4.48
C VAL A 316 -21.03 8.53 -4.97
N GLY A 317 -20.19 8.07 -4.04
CA GLY A 317 -18.98 7.36 -4.42
C GLY A 317 -19.27 6.11 -5.24
N MET A 318 -20.31 5.36 -4.85
CA MET A 318 -20.70 4.18 -5.60
C MET A 318 -21.19 4.57 -7.00
N VAL A 319 -21.97 5.65 -7.09
CA VAL A 319 -22.44 6.13 -8.39
C VAL A 319 -21.27 6.39 -9.32
N LEU A 320 -20.24 7.08 -8.83
CA LEU A 320 -19.08 7.40 -9.65
C LEU A 320 -18.34 6.14 -10.07
N ASN A 321 -18.17 5.18 -9.16
CA ASN A 321 -17.49 3.94 -9.52
C ASN A 321 -18.28 3.15 -10.56
N GLU A 322 -19.61 3.14 -10.46
CA GLU A 322 -20.39 2.43 -11.47
C GLU A 322 -20.32 3.14 -12.83
N ALA A 323 -20.24 4.47 -12.82
CA ALA A 323 -20.01 5.19 -14.07
C ALA A 323 -18.63 4.88 -14.64
N LEU A 324 -17.62 4.81 -13.77
CA LEU A 324 -16.29 4.41 -14.22
C LEU A 324 -16.25 2.98 -14.72
N ARG A 325 -17.10 2.10 -14.17
CA ARG A 325 -17.13 0.73 -14.65
C ARG A 325 -17.61 0.69 -16.10
N LEU A 326 -18.74 1.33 -16.39
CA LEU A 326 -19.33 1.23 -17.73
C LEU A 326 -18.51 2.01 -18.76
N TRP A 327 -18.04 3.21 -18.42
CA TRP A 327 -17.32 4.05 -19.38
C TRP A 327 -16.11 4.68 -18.71
N PRO A 328 -15.06 3.88 -18.47
CA PRO A 328 -13.81 4.45 -17.94
C PRO A 328 -13.21 5.45 -18.91
N THR A 329 -13.01 6.67 -18.44
CA THR A 329 -12.70 7.79 -19.33
C THR A 329 -11.24 7.81 -19.78
N ALA A 330 -10.36 7.01 -19.19
CA ALA A 330 -9.06 6.69 -19.77
C ALA A 330 -9.15 5.23 -20.19
N PRO A 331 -9.60 4.92 -21.41
CA PRO A 331 -10.17 3.60 -21.69
C PRO A 331 -9.17 2.49 -21.92
N ALA A 332 -7.87 2.77 -21.94
CA ALA A 332 -6.90 1.71 -22.18
C ALA A 332 -5.54 2.12 -21.64
N PHE A 333 -4.71 1.10 -21.40
CA PHE A 333 -3.30 1.33 -21.15
C PHE A 333 -2.50 0.17 -21.74
N SER A 334 -1.20 0.38 -21.89
CA SER A 334 -0.35 -0.50 -22.65
C SER A 334 0.76 -1.07 -21.77
N LEU A 335 1.13 -2.32 -22.07
CA LEU A 335 2.14 -3.05 -21.30
C LEU A 335 3.08 -3.77 -22.25
N TYR A 336 4.29 -4.07 -21.75
CA TYR A 336 5.23 -4.91 -22.49
C TYR A 336 5.79 -5.98 -21.56
N ALA A 337 6.12 -7.13 -22.15
CA ALA A 337 6.66 -8.26 -21.40
C ALA A 337 8.11 -7.99 -21.03
N LYS A 338 8.42 -8.05 -19.74
CA LYS A 338 9.80 -7.85 -19.30
C LYS A 338 10.70 -8.99 -19.71
N GLU A 339 10.17 -10.22 -19.74
CA GLU A 339 10.89 -11.41 -20.17
C GLU A 339 9.91 -12.32 -20.89
N ASP A 340 10.45 -13.42 -21.45
CA ASP A 340 9.60 -14.44 -22.11
C ASP A 340 8.66 -14.98 -21.03
N THR A 341 7.36 -15.06 -21.31
CA THR A 341 6.38 -15.56 -20.33
C THR A 341 5.18 -16.17 -21.04
N VAL A 342 4.41 -17.00 -20.35
CA VAL A 342 3.19 -17.62 -20.96
C VAL A 342 1.97 -16.94 -20.32
N LEU A 343 1.08 -16.38 -21.14
CA LEU A 343 -0.10 -15.67 -20.62
C LEU A 343 -1.32 -16.58 -20.67
N GLY A 344 -1.90 -16.89 -19.51
CA GLY A 344 -3.12 -17.72 -19.39
C GLY A 344 -2.86 -19.21 -19.53
N GLY A 345 -1.59 -19.62 -19.64
CA GLY A 345 -1.16 -21.02 -19.80
C GLY A 345 -1.27 -21.52 -21.24
N GLU A 346 -1.73 -20.67 -22.17
CA GLU A 346 -1.88 -21.11 -23.58
C GLU A 346 -1.29 -20.10 -24.58
N TYR A 347 -0.94 -18.88 -24.13
CA TYR A 347 -0.39 -17.90 -25.10
C TYR A 347 1.06 -17.55 -24.76
N PRO A 348 2.06 -18.09 -25.49
CA PRO A 348 3.46 -17.79 -25.23
C PRO A 348 3.79 -16.35 -25.67
N LEU A 349 4.48 -15.60 -24.82
CA LEU A 349 4.84 -14.20 -25.13
C LEU A 349 6.37 -14.07 -25.09
N GLU A 350 6.95 -13.37 -26.08
CA GLU A 350 8.41 -13.16 -26.07
C GLU A 350 8.69 -11.83 -25.38
N LYS A 351 9.89 -11.69 -24.83
CA LYS A 351 10.34 -10.44 -24.21
C LYS A 351 10.09 -9.27 -25.15
N GLY A 352 9.49 -8.20 -24.61
CA GLY A 352 9.18 -7.03 -25.38
C GLY A 352 7.81 -7.04 -26.04
N ASP A 353 7.11 -8.18 -26.05
CA ASP A 353 5.79 -8.24 -26.64
C ASP A 353 4.84 -7.30 -25.92
N GLU A 354 3.96 -6.66 -26.69
CA GLU A 354 3.08 -5.62 -26.20
C GLU A 354 1.67 -6.16 -25.94
N LEU A 355 1.03 -5.60 -24.91
CA LEU A 355 -0.37 -5.86 -24.61
C LEU A 355 -1.11 -4.54 -24.46
N MET A 356 -2.39 -4.55 -24.82
CA MET A 356 -3.30 -3.45 -24.52
C MET A 356 -4.40 -3.98 -23.62
N VAL A 357 -4.69 -3.26 -22.55
CA VAL A 357 -5.78 -3.60 -21.64
C VAL A 357 -6.97 -2.75 -22.03
N LEU A 358 -8.03 -3.39 -22.52
CA LEU A 358 -9.25 -2.71 -22.99
C LEU A 358 -10.20 -2.60 -21.81
N ILE A 359 -10.10 -1.49 -21.09
CA ILE A 359 -10.75 -1.39 -19.78
C ILE A 359 -12.27 -1.52 -19.86
N PRO A 360 -12.98 -0.87 -20.78
CA PRO A 360 -14.44 -1.04 -20.80
C PRO A 360 -14.88 -2.47 -21.03
N GLN A 361 -14.13 -3.27 -21.78
CA GLN A 361 -14.48 -4.67 -21.94
C GLN A 361 -14.19 -5.47 -20.68
N LEU A 362 -13.03 -5.22 -20.04
CA LEU A 362 -12.73 -5.82 -18.75
C LEU A 362 -13.87 -5.63 -17.76
N HIS A 363 -14.44 -4.42 -17.73
CA HIS A 363 -15.50 -4.09 -16.80
C HIS A 363 -16.84 -4.69 -17.20
N ARG A 364 -16.91 -5.39 -18.32
CA ARG A 364 -18.11 -6.11 -18.73
C ARG A 364 -17.91 -7.62 -18.69
N ASP A 365 -16.84 -8.09 -18.03
CA ASP A 365 -16.58 -9.51 -17.88
C ASP A 365 -17.68 -10.15 -17.05
N LYS A 366 -18.53 -10.95 -17.69
CA LYS A 366 -19.69 -11.52 -17.00
C LYS A 366 -19.29 -12.48 -15.89
N THR A 367 -18.11 -13.12 -15.99
CA THR A 367 -17.68 -14.01 -14.93
C THR A 367 -17.41 -13.26 -13.64
N ILE A 368 -17.19 -11.95 -13.71
CA ILE A 368 -16.94 -11.12 -12.54
C ILE A 368 -18.21 -10.44 -12.05
N TRP A 369 -18.95 -9.83 -12.97
CA TRP A 369 -20.03 -8.91 -12.60
C TRP A 369 -21.43 -9.52 -12.73
N GLY A 370 -21.55 -10.68 -13.37
CA GLY A 370 -22.85 -11.27 -13.61
C GLY A 370 -23.35 -10.97 -15.00
N ASP A 371 -24.62 -11.31 -15.24
CA ASP A 371 -25.19 -11.17 -16.58
C ASP A 371 -25.63 -9.76 -16.89
N ASP A 372 -25.94 -8.94 -15.87
CA ASP A 372 -26.47 -7.60 -16.10
C ASP A 372 -25.38 -6.54 -16.23
N VAL A 373 -24.28 -6.85 -16.94
CA VAL A 373 -23.12 -5.95 -16.96
C VAL A 373 -23.44 -4.60 -17.59
N GLU A 374 -24.47 -4.51 -18.43
CA GLU A 374 -24.80 -3.25 -19.09
C GLU A 374 -25.73 -2.38 -18.26
N GLU A 375 -26.21 -2.87 -17.13
CA GLU A 375 -27.12 -2.12 -16.29
C GLU A 375 -26.34 -1.23 -15.33
N PHE A 376 -26.88 -0.04 -15.06
CA PHE A 376 -26.27 0.90 -14.13
C PHE A 376 -26.84 0.62 -12.73
N ARG A 377 -26.03 -0.04 -11.89
CA ARG A 377 -26.42 -0.39 -10.53
C ARG A 377 -25.27 -0.04 -9.59
N PRO A 378 -25.28 1.16 -9.00
CA PRO A 378 -24.21 1.51 -8.05
C PRO A 378 -24.09 0.54 -6.90
N GLU A 379 -25.15 -0.23 -6.60
CA GLU A 379 -25.11 -1.19 -5.50
C GLU A 379 -24.09 -2.29 -5.72
N ARG A 380 -23.56 -2.45 -6.94
CA ARG A 380 -22.43 -3.35 -7.16
C ARG A 380 -21.26 -3.04 -6.26
N PHE A 381 -21.12 -1.78 -5.84
CA PHE A 381 -19.97 -1.33 -5.06
C PHE A 381 -20.32 -1.13 -3.60
N GLU A 382 -21.37 -1.80 -3.11
CA GLU A 382 -21.74 -1.69 -1.71
C GLU A 382 -20.62 -2.18 -0.81
N ASN A 383 -19.97 -3.29 -1.18
CA ASN A 383 -18.82 -3.80 -0.45
C ASN A 383 -17.64 -4.01 -1.41
N PRO A 384 -16.75 -3.02 -1.53
CA PRO A 384 -15.66 -3.13 -2.51
C PRO A 384 -14.80 -4.37 -2.38
N SER A 385 -14.68 -4.93 -1.17
CA SER A 385 -13.76 -6.03 -0.95
C SER A 385 -14.20 -7.32 -1.64
N ALA A 386 -15.47 -7.42 -2.03
CA ALA A 386 -15.95 -8.61 -2.72
C ALA A 386 -15.45 -8.70 -4.16
N ILE A 387 -14.95 -7.59 -4.70
CA ILE A 387 -14.53 -7.58 -6.10
C ILE A 387 -13.16 -8.23 -6.22
N PRO A 388 -12.99 -9.21 -7.11
CA PRO A 388 -11.68 -9.88 -7.23
C PRO A 388 -10.58 -8.92 -7.66
N GLN A 389 -9.35 -9.37 -7.47
CA GLN A 389 -8.20 -8.54 -7.76
C GLN A 389 -8.09 -8.29 -9.27
N HIS A 390 -7.80 -7.04 -9.63
CA HIS A 390 -7.58 -6.62 -11.01
C HIS A 390 -8.84 -6.74 -11.87
N ALA A 391 -10.03 -6.72 -11.26
CA ALA A 391 -11.27 -6.76 -12.02
C ALA A 391 -11.81 -5.37 -12.36
N PHE A 392 -11.40 -4.34 -11.63
CA PHE A 392 -11.93 -2.99 -11.78
C PHE A 392 -10.70 -2.07 -11.81
N LYS A 393 -10.31 -1.63 -13.01
CA LYS A 393 -9.04 -0.91 -13.20
C LYS A 393 -9.22 0.38 -13.98
N PRO A 394 -10.16 1.25 -13.58
CA PRO A 394 -10.30 2.53 -14.30
C PRO A 394 -9.13 3.47 -14.10
N PHE A 395 -8.26 3.20 -13.13
CA PHE A 395 -7.10 4.05 -12.84
C PHE A 395 -5.77 3.34 -13.10
N GLY A 396 -5.77 2.32 -13.94
CA GLY A 396 -4.52 1.65 -14.27
C GLY A 396 -4.10 0.65 -13.20
N ASN A 397 -2.80 0.37 -13.17
CA ASN A 397 -2.29 -0.72 -12.36
C ASN A 397 -0.96 -0.37 -11.71
N GLY A 398 -0.79 -0.82 -10.47
CA GLY A 398 0.49 -0.89 -9.77
C GLY A 398 1.11 0.47 -9.52
N GLN A 399 2.45 0.51 -9.59
CA GLN A 399 3.17 1.76 -9.40
C GLN A 399 2.92 2.75 -10.54
N ARG A 400 2.48 2.27 -11.70
CA ARG A 400 2.09 3.15 -12.80
C ARG A 400 0.60 3.45 -12.82
N ALA A 401 -0.08 3.27 -11.70
CA ALA A 401 -1.49 3.63 -11.62
C ALA A 401 -1.65 5.15 -11.59
N CYS A 402 -2.89 5.60 -11.71
CA CYS A 402 -3.19 7.03 -11.67
C CYS A 402 -2.80 7.62 -10.32
N ILE A 403 -1.83 8.54 -10.34
CA ILE A 403 -1.47 9.21 -9.09
C ILE A 403 -2.57 10.16 -8.65
N GLY A 404 -3.42 10.60 -9.56
CA GLY A 404 -4.50 11.52 -9.27
C GLY A 404 -5.82 10.87 -8.89
N GLN A 405 -5.83 9.56 -8.59
CA GLN A 405 -7.09 8.88 -8.28
C GLN A 405 -7.81 9.53 -7.11
N GLN A 406 -7.10 9.80 -6.01
CA GLN A 406 -7.75 10.42 -4.85
C GLN A 406 -8.22 11.83 -5.18
N PHE A 407 -7.41 12.59 -5.91
CA PHE A 407 -7.80 13.93 -6.36
C PHE A 407 -9.08 13.87 -7.20
N ALA A 408 -9.10 12.98 -8.18
CA ALA A 408 -10.22 12.90 -9.10
C ALA A 408 -11.51 12.50 -8.39
N LEU A 409 -11.43 11.49 -7.52
CA LEU A 409 -12.64 11.02 -6.85
C LEU A 409 -13.12 12.00 -5.79
N HIS A 410 -12.20 12.70 -5.13
CA HIS A 410 -12.64 13.72 -4.18
C HIS A 410 -13.31 14.87 -4.93
N GLU A 411 -12.73 15.29 -6.05
CA GLU A 411 -13.31 16.33 -6.89
C GLU A 411 -14.70 15.93 -7.38
N ALA A 412 -14.83 14.73 -7.95
CA ALA A 412 -16.09 14.32 -8.52
C ALA A 412 -17.15 14.12 -7.46
N THR A 413 -16.77 13.56 -6.31
CA THR A 413 -17.74 13.33 -5.23
C THR A 413 -18.24 14.66 -4.66
N LEU A 414 -17.33 15.60 -4.43
CA LEU A 414 -17.71 16.91 -3.92
C LEU A 414 -18.66 17.62 -4.89
N VAL A 415 -18.31 17.63 -6.17
CA VAL A 415 -19.09 18.40 -7.14
C VAL A 415 -20.45 17.75 -7.38
N LEU A 416 -20.46 16.43 -7.59
CA LEU A 416 -21.73 15.73 -7.79
C LEU A 416 -22.62 15.85 -6.55
N GLY A 417 -22.03 15.76 -5.36
CA GLY A 417 -22.79 15.96 -4.14
C GLY A 417 -23.46 17.32 -4.10
N MET A 418 -22.72 18.37 -4.47
CA MET A 418 -23.29 19.72 -4.46
C MET A 418 -24.35 19.87 -5.54
N MET A 419 -24.11 19.31 -6.74
CA MET A 419 -25.11 19.34 -7.79
C MET A 419 -26.42 18.70 -7.34
N LEU A 420 -26.32 17.54 -6.68
CA LEU A 420 -27.53 16.84 -6.23
C LEU A 420 -28.19 17.54 -5.06
N LYS A 421 -27.43 18.30 -4.27
CA LYS A 421 -28.02 19.04 -3.16
C LYS A 421 -28.85 20.22 -3.67
N HIS A 422 -28.36 20.92 -4.69
CA HIS A 422 -28.89 22.23 -5.03
C HIS A 422 -29.89 22.23 -6.18
N PHE A 423 -29.99 21.16 -6.97
CA PHE A 423 -30.83 21.19 -8.15
C PHE A 423 -31.56 19.86 -8.33
N ASP A 424 -32.75 19.96 -8.91
CA ASP A 424 -33.39 18.82 -9.57
C ASP A 424 -33.05 18.89 -11.06
N PHE A 425 -32.80 17.73 -11.67
CA PHE A 425 -32.36 17.66 -13.05
C PHE A 425 -33.41 17.00 -13.93
N GLU A 426 -33.53 17.50 -15.15
CA GLU A 426 -34.47 16.98 -16.14
C GLU A 426 -33.73 16.63 -17.42
N ASP A 427 -33.94 15.41 -17.92
CA ASP A 427 -33.45 14.98 -19.22
C ASP A 427 -34.45 15.47 -20.26
N HIS A 428 -34.40 16.78 -20.54
CA HIS A 428 -35.48 17.45 -21.25
C HIS A 428 -35.51 17.15 -22.74
N THR A 429 -34.41 16.66 -23.31
CA THR A 429 -34.39 16.28 -24.72
C THR A 429 -34.50 14.78 -24.93
N ASN A 430 -34.66 14.00 -23.86
CA ASN A 430 -34.54 12.54 -23.91
C ASN A 430 -33.25 12.16 -24.63
N TYR A 431 -32.14 12.64 -24.06
CA TYR A 431 -30.84 12.57 -24.70
C TYR A 431 -30.46 11.14 -25.06
N GLU A 432 -30.02 10.95 -26.30
CA GLU A 432 -29.55 9.67 -26.79
C GLU A 432 -28.02 9.64 -26.68
N LEU A 433 -27.51 8.66 -25.95
CA LEU A 433 -26.08 8.58 -25.69
C LEU A 433 -25.28 8.52 -26.99
N ASP A 434 -24.32 9.42 -27.13
CA ASP A 434 -23.42 9.47 -28.26
C ASP A 434 -22.03 9.74 -27.71
N ILE A 435 -21.19 8.71 -27.70
CA ILE A 435 -19.90 8.79 -27.01
C ILE A 435 -18.85 9.25 -28.02
N LYS A 436 -18.38 10.48 -27.84
CA LYS A 436 -17.31 11.01 -28.68
C LYS A 436 -15.98 10.53 -28.16
N GLU A 437 -15.10 10.16 -29.08
CA GLU A 437 -13.81 9.58 -28.72
C GLU A 437 -12.69 10.51 -29.16
N THR A 438 -11.88 10.96 -28.20
CA THR A 438 -10.58 11.55 -28.50
C THR A 438 -9.56 10.58 -27.91
N LEU A 439 -8.65 11.06 -27.06
CA LEU A 439 -7.94 10.12 -26.20
C LEU A 439 -8.76 9.69 -25.00
N THR A 440 -9.89 10.36 -24.74
CA THR A 440 -10.81 10.01 -23.67
C THR A 440 -12.21 9.86 -24.25
N LEU A 441 -13.17 9.52 -23.39
CA LEU A 441 -14.56 9.33 -23.79
C LEU A 441 -15.44 10.33 -23.06
N LYS A 442 -16.51 10.76 -23.75
CA LYS A 442 -17.45 11.69 -23.13
C LYS A 442 -18.79 11.60 -23.86
N PRO A 443 -19.90 11.91 -23.19
CA PRO A 443 -21.20 11.92 -23.88
C PRO A 443 -21.44 13.23 -24.62
N GLU A 444 -21.17 13.24 -25.92
CA GLU A 444 -21.24 14.48 -26.69
C GLU A 444 -22.68 14.96 -26.79
N GLY A 445 -22.86 16.28 -26.66
CA GLY A 445 -24.17 16.89 -26.76
C GLY A 445 -25.09 16.63 -25.58
N PHE A 446 -24.58 16.04 -24.49
CA PHE A 446 -25.41 15.78 -23.32
C PHE A 446 -25.83 17.09 -22.68
N VAL A 447 -27.16 17.31 -22.62
CA VAL A 447 -27.72 18.54 -22.07
C VAL A 447 -28.83 18.19 -21.09
N VAL A 448 -28.96 19.03 -20.06
CA VAL A 448 -30.02 18.89 -19.05
C VAL A 448 -30.53 20.27 -18.67
N LYS A 449 -31.70 20.28 -18.05
CA LYS A 449 -32.22 21.45 -17.35
C LYS A 449 -32.11 21.23 -15.85
N ALA A 450 -31.72 22.29 -15.12
CA ALA A 450 -31.59 22.23 -13.68
C ALA A 450 -32.57 23.21 -13.06
N LYS A 451 -33.44 22.70 -12.18
CA LYS A 451 -34.37 23.52 -11.43
C LYS A 451 -33.84 23.68 -10.00
N SER A 452 -33.54 24.91 -9.61
CA SER A 452 -32.92 25.16 -8.32
C SER A 452 -33.86 24.79 -7.18
N LYS A 453 -33.29 24.22 -6.12
CA LYS A 453 -34.00 23.97 -4.87
C LYS A 453 -33.95 25.18 -3.94
N LYS A 454 -33.31 26.27 -4.35
CA LYS A 454 -33.28 27.52 -3.60
C LYS A 454 -32.59 27.36 -2.24
N ILE A 455 -31.52 26.58 -2.22
CA ILE A 455 -30.71 26.38 -1.02
C ILE A 455 -29.49 27.29 -1.12
N PRO A 456 -29.31 28.25 -0.22
CA PRO A 456 -28.21 29.21 -0.36
C PRO A 456 -26.86 28.56 -0.08
N LEU A 457 -25.82 29.25 -0.54
CA LEU A 457 -24.44 28.79 -0.39
C LEU A 457 -23.76 29.51 0.78
N MET B 7 2.17 17.98 30.06
CA MET B 7 1.99 16.68 29.43
C MET B 7 0.91 15.88 30.17
N PRO B 8 0.01 15.26 29.41
CA PRO B 8 -1.02 14.42 30.04
C PRO B 8 -0.39 13.24 30.78
N GLN B 9 -1.13 12.74 31.77
CA GLN B 9 -0.65 11.65 32.61
C GLN B 9 -1.84 10.90 33.20
N PRO B 10 -1.83 9.57 33.19
CA PRO B 10 -2.96 8.79 33.70
C PRO B 10 -2.99 8.79 35.23
N LYS B 11 -3.98 8.08 35.77
CA LYS B 11 -4.27 8.11 37.20
C LYS B 11 -3.12 7.53 38.01
N THR B 12 -3.01 7.99 39.26
CA THR B 12 -1.89 7.66 40.13
C THR B 12 -2.34 6.85 41.34
N PHE B 13 -1.37 6.18 41.97
CA PHE B 13 -1.60 5.32 43.12
C PHE B 13 -0.70 5.76 44.27
N GLY B 14 -0.87 7.00 44.70
CA GLY B 14 -0.07 7.52 45.79
C GLY B 14 1.42 7.46 45.49
N GLU B 15 2.18 6.84 46.39
CA GLU B 15 3.64 6.80 46.24
C GLU B 15 4.06 5.96 45.05
N LEU B 16 3.24 4.99 44.63
CA LEU B 16 3.59 4.16 43.49
C LEU B 16 3.38 4.87 42.16
N LYS B 17 2.81 6.08 42.16
CA LYS B 17 2.60 6.90 40.97
C LYS B 17 1.78 6.08 39.96
N ASN B 18 2.23 5.93 38.71
CA ASN B 18 1.45 5.21 37.70
C ASN B 18 1.74 3.73 37.63
N LEU B 19 2.78 3.24 38.31
CA LEU B 19 3.25 1.87 38.11
C LEU B 19 2.18 0.80 38.23
N PRO B 20 1.25 0.82 39.20
CA PRO B 20 0.25 -0.25 39.28
C PRO B 20 -0.63 -0.37 38.04
N LEU B 21 -0.68 0.65 37.17
CA LEU B 21 -1.42 0.53 35.92
C LEU B 21 -0.89 -0.62 35.07
N LEU B 22 0.38 -0.96 35.22
CA LEU B 22 1.00 -2.04 34.49
C LEU B 22 0.88 -3.39 35.20
N ASN B 23 0.29 -3.41 36.40
CA ASN B 23 0.04 -4.66 37.11
C ASN B 23 -1.24 -5.30 36.59
N THR B 24 -1.17 -5.73 35.33
CA THR B 24 -2.27 -6.36 34.63
C THR B 24 -1.70 -7.34 33.62
N ASP B 25 -2.51 -8.30 33.19
CA ASP B 25 -2.01 -9.28 32.25
C ASP B 25 -1.97 -8.78 30.80
N LYS B 26 -2.61 -7.64 30.51
CA LYS B 26 -2.60 -7.06 29.16
C LYS B 26 -2.11 -5.62 29.22
N PRO B 27 -0.83 -5.42 29.54
CA PRO B 27 -0.33 -4.05 29.74
C PRO B 27 -0.25 -3.21 28.47
N VAL B 28 0.06 -3.81 27.32
CA VAL B 28 0.11 -3.04 26.08
C VAL B 28 -1.28 -2.54 25.71
N GLN B 29 -2.28 -3.42 25.78
CA GLN B 29 -3.65 -3.00 25.48
C GLN B 29 -4.15 -1.96 26.48
N ALA B 30 -3.74 -2.08 27.74
CA ALA B 30 -4.04 -1.04 28.72
C ALA B 30 -3.41 0.29 28.32
N LEU B 31 -2.14 0.25 27.90
CA LEU B 31 -1.48 1.48 27.47
C LEU B 31 -2.15 2.06 26.22
N MET B 32 -2.67 1.21 25.34
CA MET B 32 -3.38 1.71 24.17
C MET B 32 -4.64 2.46 24.58
N LYS B 33 -5.35 1.96 25.58
CA LYS B 33 -6.56 2.63 26.04
C LYS B 33 -6.23 3.96 26.70
N ILE B 34 -5.11 4.02 27.44
CA ILE B 34 -4.67 5.29 28.00
C ILE B 34 -4.34 6.28 26.89
N ALA B 35 -3.66 5.80 25.84
CA ALA B 35 -3.35 6.65 24.70
C ALA B 35 -4.64 7.14 24.02
N ASP B 36 -5.65 6.27 23.91
CA ASP B 36 -6.94 6.71 23.37
C ASP B 36 -7.49 7.88 24.16
N GLU B 37 -7.37 7.85 25.49
CA GLU B 37 -7.91 8.90 26.33
C GLU B 37 -7.05 10.16 26.30
N LEU B 38 -5.72 10.00 26.37
CA LEU B 38 -4.82 11.12 26.61
C LEU B 38 -4.16 11.68 25.36
N GLY B 39 -4.07 10.91 24.28
CA GLY B 39 -3.56 11.43 23.03
C GLY B 39 -2.16 10.97 22.69
N GLU B 40 -1.50 11.80 21.87
CA GLU B 40 -0.27 11.40 21.20
C GLU B 40 0.91 11.24 22.16
N ILE B 41 0.82 11.76 23.38
CA ILE B 41 1.94 11.64 24.32
C ILE B 41 1.40 11.72 25.75
N PHE B 42 1.87 10.83 26.61
CA PHE B 42 1.59 10.95 28.03
C PHE B 42 2.79 10.50 28.85
N LYS B 43 2.96 11.16 29.99
CA LYS B 43 4.02 10.82 30.94
C LYS B 43 3.59 9.62 31.77
N PHE B 44 4.56 8.75 32.09
CA PHE B 44 4.32 7.59 32.93
C PHE B 44 5.41 7.56 33.99
N GLU B 45 5.02 7.76 35.25
CA GLU B 45 5.96 7.82 36.36
C GLU B 45 5.84 6.57 37.22
N ALA B 46 6.97 6.12 37.70
CA ALA B 46 7.06 5.03 38.67
C ALA B 46 8.14 5.42 39.67
N PRO B 47 8.24 4.76 40.83
CA PRO B 47 9.36 5.04 41.74
C PRO B 47 10.70 4.91 41.02
N GLY B 48 11.45 6.01 40.95
CA GLY B 48 12.76 5.97 40.35
C GLY B 48 12.82 5.93 38.84
N ARG B 49 11.72 6.21 38.14
CA ARG B 49 11.75 6.15 36.68
C ARG B 49 10.63 6.98 36.10
N VAL B 50 10.95 7.76 35.06
CA VAL B 50 9.99 8.51 34.27
C VAL B 50 10.18 8.13 32.80
N THR B 51 9.08 7.95 32.09
CA THR B 51 9.12 7.77 30.65
C THR B 51 7.92 8.46 30.05
N ARG B 52 7.89 8.51 28.71
CA ARG B 52 6.83 9.18 27.97
C ARG B 52 6.41 8.28 26.82
N TYR B 53 5.12 7.97 26.73
CA TYR B 53 4.60 7.10 25.70
C TYR B 53 4.12 7.91 24.50
N LEU B 54 4.68 7.61 23.33
CA LEU B 54 4.36 8.30 22.09
C LEU B 54 3.47 7.44 21.21
N SER B 55 2.49 8.07 20.58
CA SER B 55 1.51 7.36 19.77
C SER B 55 1.25 7.95 18.38
N SER B 56 1.79 9.13 18.08
CA SER B 56 1.52 9.79 16.81
C SER B 56 2.74 9.72 15.90
N GLN B 57 2.48 9.63 14.59
CA GLN B 57 3.56 9.71 13.61
C GLN B 57 4.30 11.04 13.70
N ARG B 58 3.60 12.12 14.06
CA ARG B 58 4.21 13.44 14.14
C ARG B 58 5.38 13.45 15.12
N LEU B 59 5.19 12.85 16.30
CA LEU B 59 6.23 12.83 17.31
C LEU B 59 7.21 11.69 17.11
N ILE B 60 6.74 10.54 16.63
CA ILE B 60 7.60 9.38 16.50
C ILE B 60 8.61 9.56 15.38
N LYS B 61 8.27 10.35 14.35
CA LYS B 61 9.26 10.63 13.31
C LYS B 61 10.42 11.44 13.85
N GLU B 62 10.19 12.28 14.86
CA GLU B 62 11.29 12.97 15.51
C GLU B 62 12.05 12.02 16.44
N ALA B 63 11.32 11.17 17.16
CA ALA B 63 11.97 10.20 18.04
C ALA B 63 12.88 9.27 17.25
N CYS B 64 12.55 9.00 15.99
CA CYS B 64 13.35 8.14 15.13
C CYS B 64 14.52 8.86 14.47
N ASP B 65 14.76 10.12 14.82
CA ASP B 65 15.93 10.84 14.33
C ASP B 65 17.15 10.34 15.10
N GLU B 66 17.98 9.54 14.45
CA GLU B 66 19.10 8.91 15.13
C GLU B 66 20.17 9.90 15.57
N SER B 67 20.16 11.12 15.03
CA SER B 67 21.07 12.14 15.52
C SER B 67 20.63 12.68 16.88
N ARG B 68 19.37 12.49 17.25
CA ARG B 68 18.82 13.01 18.49
C ARG B 68 18.48 11.94 19.51
N PHE B 69 18.19 10.72 19.08
CA PHE B 69 17.78 9.66 19.99
C PHE B 69 18.46 8.35 19.62
N ASP B 70 18.82 7.58 20.65
CA ASP B 70 19.43 6.27 20.51
C ASP B 70 18.56 5.24 21.22
N LYS B 71 18.77 3.96 20.87
CA LYS B 71 18.01 2.90 21.51
C LYS B 71 18.30 2.84 23.01
N ASN B 72 17.24 2.74 23.81
CA ASN B 72 17.35 2.51 25.24
C ASN B 72 16.90 1.08 25.55
N LEU B 73 17.53 0.49 26.56
CA LEU B 73 17.07 -0.81 27.05
C LEU B 73 15.93 -0.61 28.04
N SER B 74 14.73 -1.00 27.65
CA SER B 74 13.61 -1.05 28.58
C SER B 74 13.93 -2.00 29.73
N GLN B 75 13.12 -1.91 30.79
CA GLN B 75 13.28 -2.87 31.89
C GLN B 75 13.06 -4.30 31.40
N ALA B 76 12.15 -4.50 30.45
CA ALA B 76 11.97 -5.83 29.87
C ALA B 76 13.25 -6.30 29.22
N LEU B 77 13.86 -5.46 28.37
CA LEU B 77 15.10 -5.83 27.71
C LEU B 77 16.23 -6.03 28.72
N LYS B 78 16.25 -5.22 29.79
CA LYS B 78 17.28 -5.38 30.81
C LYS B 78 17.19 -6.75 31.47
N PHE B 79 15.96 -7.23 31.74
CA PHE B 79 15.82 -8.55 32.34
C PHE B 79 16.15 -9.66 31.36
N VAL B 80 15.84 -9.46 30.08
CA VAL B 80 16.18 -10.47 29.06
C VAL B 80 17.69 -10.58 28.87
N ARG B 81 18.42 -9.47 28.99
CA ARG B 81 19.87 -9.50 28.83
C ARG B 81 20.54 -10.45 29.82
N ASP B 82 19.87 -10.80 30.93
CA ASP B 82 20.45 -11.73 31.89
C ASP B 82 20.68 -13.11 31.28
N PHE B 83 19.97 -13.46 30.21
CA PHE B 83 20.29 -14.67 29.45
C PHE B 83 20.56 -14.42 27.98
N ALA B 84 20.21 -13.25 27.45
CA ALA B 84 20.59 -12.88 26.10
C ALA B 84 21.94 -12.17 26.02
N GLY B 85 22.47 -11.73 27.17
CA GLY B 85 23.82 -11.17 27.22
C GLY B 85 23.96 -9.95 26.35
N ASP B 86 25.13 -9.81 25.73
CA ASP B 86 25.36 -8.70 24.80
C ASP B 86 25.16 -9.13 23.35
N GLY B 87 24.16 -9.95 23.10
CA GLY B 87 23.63 -10.11 21.76
C GLY B 87 23.04 -8.82 21.25
N LEU B 88 22.69 -8.83 19.95
CA LEU B 88 22.31 -7.60 19.26
C LEU B 88 21.13 -6.91 19.94
N ALA B 89 20.13 -7.67 20.38
CA ALA B 89 18.88 -7.07 20.84
C ALA B 89 18.99 -6.46 22.23
N THR B 90 19.91 -6.95 23.07
CA THR B 90 20.01 -6.49 24.45
C THR B 90 21.32 -5.79 24.72
N SER B 91 21.97 -5.25 23.69
CA SER B 91 23.20 -4.49 23.81
CA SER B 91 23.19 -4.48 23.86
C SER B 91 22.94 -3.01 23.56
N TRP B 92 23.73 -2.16 24.20
CA TRP B 92 23.69 -0.73 23.91
C TRP B 92 24.47 -0.45 22.63
N THR B 93 24.04 0.58 21.91
CA THR B 93 24.69 0.94 20.65
C THR B 93 26.18 1.21 20.83
N HIS B 94 26.58 1.74 21.97
CA HIS B 94 27.96 2.12 22.24
C HIS B 94 28.83 0.97 22.72
N GLU B 95 28.25 -0.22 22.90
CA GLU B 95 29.05 -1.38 23.26
C GLU B 95 29.78 -1.92 22.03
N LYS B 96 31.07 -2.23 22.21
CA LYS B 96 31.88 -2.72 21.10
C LYS B 96 31.24 -3.93 20.42
N ASN B 97 30.61 -4.81 21.19
CA ASN B 97 30.06 -6.03 20.62
C ASN B 97 28.79 -5.78 19.81
N TRP B 98 28.11 -4.64 19.95
CA TRP B 98 26.96 -4.41 19.09
C TRP B 98 27.40 -4.13 17.66
N LYS B 99 28.24 -3.11 17.47
CA LYS B 99 28.67 -2.73 16.13
C LYS B 99 29.44 -3.86 15.48
N LYS B 100 30.24 -4.58 16.27
CA LYS B 100 30.97 -5.73 15.75
C LYS B 100 30.01 -6.78 15.20
N ALA B 101 29.04 -7.20 16.01
CA ALA B 101 28.09 -8.22 15.55
C ALA B 101 27.19 -7.66 14.45
N HIS B 102 26.78 -6.40 14.56
CA HIS B 102 25.99 -5.75 13.52
C HIS B 102 26.68 -5.84 12.16
N ASN B 103 27.96 -5.47 12.11
CA ASN B 103 28.69 -5.49 10.86
C ASN B 103 28.84 -6.90 10.32
N ILE B 104 29.10 -7.86 11.21
CA ILE B 104 29.34 -9.24 10.77
C ILE B 104 28.05 -9.88 10.28
N LEU B 105 26.94 -9.61 10.96
CA LEU B 105 25.71 -10.36 10.73
C LEU B 105 24.80 -9.76 9.65
N LEU B 106 24.92 -8.46 9.36
CA LEU B 106 24.03 -7.84 8.38
C LEU B 106 24.03 -8.54 7.02
N PRO B 107 25.17 -8.91 6.44
CA PRO B 107 25.11 -9.63 5.14
C PRO B 107 24.43 -10.99 5.23
N SER B 108 24.49 -11.66 6.37
CA SER B 108 23.84 -12.97 6.51
C SER B 108 22.33 -12.85 6.75
N PHE B 109 21.80 -11.64 6.90
CA PHE B 109 20.36 -11.43 7.04
C PHE B 109 19.76 -10.65 5.89
N SER B 110 20.54 -10.39 4.83
CA SER B 110 20.03 -9.64 3.70
C SER B 110 18.99 -10.44 2.95
N GLN B 111 18.26 -9.75 2.07
CA GLN B 111 17.32 -10.43 1.18
C GLN B 111 18.04 -11.47 0.33
N GLN B 112 19.23 -11.14 -0.16
CA GLN B 112 20.00 -12.08 -0.95
C GLN B 112 20.39 -13.31 -0.13
N ALA B 113 20.60 -13.13 1.18
CA ALA B 113 20.98 -14.26 2.03
C ALA B 113 19.81 -15.21 2.27
N MET B 114 18.58 -14.77 2.03
CA MET B 114 17.42 -15.66 2.24
C MET B 114 17.41 -16.81 1.25
N LYS B 115 18.09 -16.68 0.11
CA LYS B 115 18.21 -17.81 -0.81
C LYS B 115 18.83 -19.02 -0.13
N GLY B 116 19.82 -18.80 0.75
CA GLY B 116 20.50 -19.89 1.41
C GLY B 116 19.74 -20.52 2.55
N TYR B 117 18.81 -19.80 3.17
CA TYR B 117 17.99 -20.35 4.24
C TYR B 117 16.70 -20.98 3.74
N HIS B 118 16.35 -20.75 2.48
CA HIS B 118 15.03 -21.14 1.96
C HIS B 118 14.79 -22.63 2.11
N ALA B 119 15.82 -23.45 1.81
CA ALA B 119 15.63 -24.90 1.84
C ALA B 119 15.33 -25.40 3.24
N MET B 120 16.02 -24.84 4.25
CA MET B 120 15.74 -25.24 5.62
C MET B 120 14.37 -24.76 6.07
N MET B 121 13.94 -23.58 5.60
CA MET B 121 12.60 -23.10 5.91
C MET B 121 11.54 -24.01 5.32
N VAL B 122 11.75 -24.47 4.09
CA VAL B 122 10.80 -25.38 3.45
C VAL B 122 10.71 -26.69 4.23
N ASP B 123 11.85 -27.18 4.74
CA ASP B 123 11.87 -28.41 5.52
C ASP B 123 10.86 -28.36 6.66
N ILE B 124 10.88 -27.30 7.44
CA ILE B 124 9.97 -27.21 8.58
C ILE B 124 8.55 -26.91 8.11
N ALA B 125 8.42 -26.08 7.06
CA ALA B 125 7.09 -25.75 6.56
C ALA B 125 6.36 -26.98 6.05
N VAL B 126 7.10 -27.88 5.38
CA VAL B 126 6.47 -29.11 4.90
C VAL B 126 6.04 -29.99 6.07
N GLN B 127 6.81 -29.98 7.18
CA GLN B 127 6.38 -30.71 8.36
C GLN B 127 5.06 -30.17 8.89
N LEU B 128 4.90 -28.85 8.91
CA LEU B 128 3.63 -28.26 9.33
C LEU B 128 2.49 -28.71 8.42
N VAL B 129 2.68 -28.60 7.10
CA VAL B 129 1.65 -29.00 6.16
C VAL B 129 1.32 -30.48 6.33
N GLN B 130 2.35 -31.32 6.51
CA GLN B 130 2.12 -32.74 6.69
C GLN B 130 1.33 -33.03 7.96
N LYS B 131 1.62 -32.30 9.05
CA LYS B 131 0.86 -32.50 10.28
C LYS B 131 -0.62 -32.21 10.06
N TRP B 132 -0.93 -31.11 9.37
CA TRP B 132 -2.32 -30.74 9.16
C TRP B 132 -3.01 -31.68 8.16
N GLU B 133 -2.28 -32.19 7.17
CA GLU B 133 -2.84 -33.17 6.27
C GLU B 133 -3.24 -34.44 7.00
N ARG B 134 -2.59 -34.75 8.12
CA ARG B 134 -2.77 -36.02 8.82
C ARG B 134 -3.75 -35.94 9.97
N LEU B 135 -4.40 -34.80 10.18
CA LEU B 135 -5.45 -34.71 11.19
C LEU B 135 -6.70 -35.45 10.72
N ASN B 136 -7.43 -35.99 11.68
CA ASN B 136 -8.68 -36.68 11.38
C ASN B 136 -9.82 -35.67 11.28
N ALA B 137 -10.97 -36.15 10.81
CA ALA B 137 -12.15 -35.31 10.76
C ALA B 137 -12.54 -34.87 12.17
N ASP B 138 -12.94 -33.60 12.28
CA ASP B 138 -13.38 -32.94 13.51
C ASP B 138 -12.27 -32.79 14.55
N GLU B 139 -11.03 -33.18 14.23
CA GLU B 139 -9.91 -32.62 14.96
C GLU B 139 -9.67 -31.20 14.47
N HIS B 140 -8.98 -30.40 15.29
CA HIS B 140 -8.76 -29.00 14.96
C HIS B 140 -7.30 -28.62 15.19
N ILE B 141 -6.97 -27.39 14.79
CA ILE B 141 -5.61 -26.86 14.83
C ILE B 141 -5.53 -25.83 15.94
N GLU B 142 -4.48 -25.93 16.76
CA GLU B 142 -4.14 -24.89 17.73
C GLU B 142 -3.10 -23.99 17.06
N VAL B 143 -3.55 -22.83 16.57
CA VAL B 143 -2.79 -22.06 15.58
C VAL B 143 -1.51 -21.49 16.17
N PRO B 144 -1.53 -20.67 17.23
CA PRO B 144 -0.25 -20.14 17.73
C PRO B 144 0.67 -21.22 18.25
N GLU B 145 0.11 -22.32 18.75
CA GLU B 145 0.95 -23.42 19.22
C GLU B 145 1.72 -24.06 18.07
N ASP B 146 1.05 -24.33 16.95
CA ASP B 146 1.76 -24.91 15.80
C ASP B 146 2.68 -23.89 15.14
N MET B 147 2.26 -22.61 15.09
CA MET B 147 3.12 -21.59 14.52
C MET B 147 4.41 -21.44 15.32
N THR B 148 4.33 -21.58 16.65
CA THR B 148 5.53 -21.47 17.47
C THR B 148 6.42 -22.70 17.33
N ARG B 149 5.82 -23.88 17.17
CA ARG B 149 6.59 -25.06 16.78
C ARG B 149 7.37 -24.81 15.50
N LEU B 150 6.70 -24.19 14.52
CA LEU B 150 7.28 -23.93 13.18
C LEU B 150 8.40 -22.88 13.21
N THR B 151 8.22 -21.79 13.96
CA THR B 151 9.22 -20.72 13.97
C THR B 151 10.44 -21.11 14.80
N LEU B 152 10.23 -21.80 15.94
CA LEU B 152 11.35 -22.27 16.74
C LEU B 152 12.24 -23.22 15.96
N ASP B 153 11.62 -24.22 15.31
CA ASP B 153 12.42 -25.21 14.59
C ASP B 153 13.11 -24.59 13.39
N THR B 154 12.46 -23.64 12.73
CA THR B 154 13.08 -22.98 11.58
C THR B 154 14.28 -22.14 12.01
N ILE B 155 14.16 -21.40 13.11
CA ILE B 155 15.28 -20.60 13.59
C ILE B 155 16.41 -21.51 14.08
N GLY B 156 16.05 -22.59 14.78
CA GLY B 156 17.06 -23.53 15.22
C GLY B 156 17.82 -24.16 14.07
N LEU B 157 17.11 -24.48 12.98
CA LEU B 157 17.74 -25.09 11.82
C LEU B 157 18.59 -24.08 11.07
N CYS B 158 18.03 -22.91 10.76
CA CYS B 158 18.76 -21.89 10.03
C CYS B 158 19.82 -21.21 10.91
N GLY B 159 19.65 -21.23 12.23
CA GLY B 159 20.59 -20.56 13.10
C GLY B 159 21.85 -21.36 13.37
N PHE B 160 21.70 -22.63 13.77
CA PHE B 160 22.89 -23.44 14.08
C PHE B 160 22.68 -24.90 13.71
N ASN B 161 21.80 -25.18 12.75
CA ASN B 161 21.60 -26.52 12.18
C ASN B 161 21.27 -27.54 13.27
N TYR B 162 20.37 -27.16 14.18
CA TYR B 162 19.92 -28.02 15.25
C TYR B 162 18.42 -28.23 15.11
N ARG B 163 17.98 -29.48 15.28
CA ARG B 163 16.57 -29.84 15.14
C ARG B 163 15.95 -30.02 16.52
N PHE B 164 15.12 -29.06 16.93
CA PHE B 164 14.35 -29.23 18.16
C PHE B 164 13.26 -30.26 18.00
N ASN B 165 12.85 -30.55 16.76
CA ASN B 165 11.84 -31.57 16.45
C ASN B 165 10.54 -31.32 17.23
N SER B 166 10.08 -30.06 17.19
CA SER B 166 8.91 -29.67 17.96
C SER B 166 7.65 -30.39 17.50
N PHE B 167 7.59 -30.79 16.24
CA PHE B 167 6.40 -31.48 15.74
C PHE B 167 6.38 -32.96 16.11
N TYR B 168 7.40 -33.43 16.83
CA TYR B 168 7.42 -34.78 17.37
C TYR B 168 7.10 -34.82 18.86
N ARG B 169 6.66 -33.71 19.46
CA ARG B 169 6.59 -33.60 20.90
C ARG B 169 5.32 -32.90 21.35
N ASP B 170 4.88 -33.25 22.56
CA ASP B 170 3.96 -32.44 23.35
C ASP B 170 4.71 -31.53 24.31
N GLN B 171 5.74 -32.07 24.97
CA GLN B 171 6.65 -31.27 25.79
C GLN B 171 7.85 -30.88 24.95
N PRO B 172 8.12 -29.59 24.77
CA PRO B 172 9.19 -29.18 23.86
C PRO B 172 10.56 -29.65 24.34
N HIS B 173 11.52 -29.59 23.42
CA HIS B 173 12.92 -29.83 23.74
C HIS B 173 13.30 -29.03 24.98
N PRO B 174 14.06 -29.60 25.91
CA PRO B 174 14.38 -28.89 27.17
C PRO B 174 14.93 -27.49 26.98
N PHE B 175 15.68 -27.22 25.92
CA PHE B 175 16.14 -25.86 25.67
C PHE B 175 14.95 -24.92 25.51
N ILE B 176 13.93 -25.34 24.77
CA ILE B 176 12.78 -24.47 24.53
C ILE B 176 12.03 -24.21 25.83
N THR B 177 11.83 -25.26 26.64
CA THR B 177 11.16 -25.09 27.92
C THR B 177 11.91 -24.09 28.80
N SER B 178 13.24 -24.22 28.87
CA SER B 178 14.03 -23.30 29.66
C SER B 178 13.94 -21.87 29.13
N MET B 179 14.02 -21.71 27.80
CA MET B 179 13.93 -20.37 27.21
C MET B 179 12.58 -19.73 27.50
N VAL B 180 11.49 -20.46 27.27
CA VAL B 180 10.16 -19.92 27.50
C VAL B 180 9.97 -19.59 28.98
N ARG B 181 10.47 -20.44 29.86
CA ARG B 181 10.34 -20.20 31.29
C ARG B 181 11.25 -19.05 31.74
N ALA B 182 12.44 -18.92 31.14
CA ALA B 182 13.29 -17.78 31.42
C ALA B 182 12.63 -16.48 30.99
N LEU B 183 12.03 -16.47 29.79
CA LEU B 183 11.29 -15.31 29.32
C LEU B 183 10.13 -14.99 30.26
N ASP B 184 9.40 -16.02 30.70
CA ASP B 184 8.28 -15.81 31.61
C ASP B 184 8.74 -15.15 32.90
N GLU B 185 9.85 -15.64 33.46
CA GLU B 185 10.38 -15.03 34.67
C GLU B 185 10.83 -13.59 34.42
N ALA B 186 11.51 -13.36 33.30
CA ALA B 186 11.87 -11.99 32.93
C ALA B 186 10.64 -11.12 32.80
N MET B 187 9.59 -11.64 32.17
CA MET B 187 8.35 -10.87 32.03
C MET B 187 7.68 -10.65 33.39
N ASN B 188 7.65 -11.70 34.23
CA ASN B 188 6.99 -11.61 35.53
C ASN B 188 7.70 -10.63 36.46
N LYS B 189 9.01 -10.46 36.30
CA LYS B 189 9.76 -9.53 37.14
C LYS B 189 9.32 -8.09 36.93
N LEU B 190 8.71 -7.77 35.79
CA LEU B 190 8.33 -6.40 35.49
C LEU B 190 7.34 -5.86 36.51
N GLN B 191 6.36 -6.66 36.91
CA GLN B 191 5.31 -6.25 37.82
C GLN B 191 5.40 -6.93 39.18
N ARG B 192 6.60 -7.31 39.60
CA ARG B 192 6.83 -8.03 40.86
C ARG B 192 7.27 -7.10 41.98
N ALA B 193 6.45 -7.01 43.03
CA ALA B 193 6.80 -6.25 44.23
C ALA B 193 7.50 -7.17 45.23
N ASN B 194 8.43 -6.59 46.00
CA ASN B 194 9.21 -7.29 47.01
C ASN B 194 9.96 -8.46 46.39
N PRO B 195 10.80 -8.20 45.38
CA PRO B 195 11.46 -9.31 44.67
C PRO B 195 12.41 -10.13 45.53
N ASP B 196 12.99 -9.54 46.58
CA ASP B 196 13.93 -10.26 47.43
C ASP B 196 13.24 -11.11 48.50
N ASP B 197 11.92 -11.17 48.49
CA ASP B 197 11.20 -12.00 49.46
C ASP B 197 11.54 -13.48 49.25
N PRO B 198 11.52 -14.28 50.32
CA PRO B 198 11.88 -15.71 50.18
C PRO B 198 10.97 -16.50 49.26
N ALA B 199 9.75 -16.04 48.99
CA ALA B 199 8.87 -16.79 48.09
C ALA B 199 9.44 -16.89 46.68
N TYR B 200 10.24 -15.91 46.27
CA TYR B 200 10.84 -15.90 44.94
C TYR B 200 12.19 -16.59 44.89
N ASP B 201 12.67 -17.13 46.02
CA ASP B 201 13.91 -17.90 46.01
C ASP B 201 13.87 -19.01 44.98
N GLU B 202 12.74 -19.72 44.91
CA GLU B 202 12.59 -20.80 43.93
C GLU B 202 12.62 -20.26 42.50
N ASN B 203 11.98 -19.11 42.26
CA ASN B 203 12.05 -18.49 40.94
C ASN B 203 13.48 -18.19 40.54
N LYS B 204 14.28 -17.66 41.48
CA LYS B 204 15.68 -17.36 41.20
C LYS B 204 16.48 -18.63 40.94
N ARG B 205 16.26 -19.67 41.74
CA ARG B 205 16.95 -20.93 41.50
C ARG B 205 16.59 -21.51 40.14
N GLN B 206 15.30 -21.51 39.80
CA GLN B 206 14.87 -22.00 38.49
C GLN B 206 15.44 -21.16 37.36
N PHE B 207 15.52 -19.84 37.58
CA PHE B 207 16.06 -18.95 36.55
C PHE B 207 17.51 -19.29 36.22
N GLN B 208 18.34 -19.46 37.25
CA GLN B 208 19.73 -19.81 37.03
C GLN B 208 19.86 -21.19 36.37
N GLU B 209 18.96 -22.11 36.71
CA GLU B 209 18.98 -23.43 36.08
C GLU B 209 18.69 -23.34 34.58
N ASP B 210 17.70 -22.53 34.21
CA ASP B 210 17.32 -22.40 32.80
C ASP B 210 18.40 -21.69 31.99
N ILE B 211 19.08 -20.71 32.58
CA ILE B 211 20.20 -20.05 31.91
C ILE B 211 21.27 -21.08 31.55
N LYS B 212 21.62 -21.95 32.50
CA LYS B 212 22.63 -22.97 32.25
C LYS B 212 22.19 -23.95 31.18
N VAL B 213 20.91 -24.32 31.18
CA VAL B 213 20.40 -25.23 30.14
C VAL B 213 20.62 -24.63 28.76
N MET B 214 20.26 -23.35 28.59
CA MET B 214 20.45 -22.69 27.30
C MET B 214 21.93 -22.56 26.96
N ASN B 215 22.74 -22.10 27.92
CA ASN B 215 24.17 -21.92 27.67
C ASN B 215 24.84 -23.23 27.33
N ASP B 216 24.53 -24.29 28.10
CA ASP B 216 25.21 -25.57 27.91
C ASP B 216 24.95 -26.14 26.52
N LEU B 217 23.70 -26.10 26.07
CA LEU B 217 23.38 -26.67 24.75
C LEU B 217 24.07 -25.89 23.63
N VAL B 218 23.98 -24.56 23.67
CA VAL B 218 24.53 -23.76 22.59
C VAL B 218 26.05 -23.79 22.61
N ASP B 219 26.64 -23.71 23.81
CA ASP B 219 28.10 -23.81 23.91
C ASP B 219 28.59 -25.16 23.39
N LYS B 220 27.80 -26.22 23.62
CA LYS B 220 28.17 -27.53 23.11
C LYS B 220 28.12 -27.57 21.58
N ILE B 221 27.07 -27.00 20.99
CA ILE B 221 26.96 -27.01 19.53
C ILE B 221 28.08 -26.20 18.90
N ILE B 222 28.41 -25.05 19.49
CA ILE B 222 29.53 -24.25 18.98
C ILE B 222 30.81 -25.05 19.04
N ALA B 223 31.06 -25.69 20.19
CA ALA B 223 32.28 -26.50 20.32
C ALA B 223 32.27 -27.68 19.36
N ASP B 224 31.11 -28.35 19.22
CA ASP B 224 31.01 -29.45 18.26
C ASP B 224 31.33 -28.99 16.84
N ARG B 225 30.80 -27.83 16.44
CA ARG B 225 31.01 -27.36 15.08
C ARG B 225 32.47 -27.03 14.83
N LYS B 226 33.13 -26.38 15.79
CA LYS B 226 34.54 -26.06 15.65
C LYS B 226 35.39 -27.33 15.55
N ALA B 227 35.08 -28.33 16.38
CA ALA B 227 35.86 -29.57 16.37
C ALA B 227 35.67 -30.34 15.08
N SER B 228 34.44 -30.39 14.56
CA SER B 228 34.18 -31.09 13.31
C SER B 228 34.77 -30.34 12.12
N GLY B 229 34.75 -29.01 12.16
CA GLY B 229 35.19 -28.20 11.04
C GLY B 229 34.22 -28.14 9.88
N GLU B 230 33.02 -28.69 10.03
CA GLU B 230 32.08 -28.76 8.92
C GLU B 230 31.42 -27.41 8.66
N GLN B 231 31.05 -27.19 7.40
CA GLN B 231 30.43 -25.96 6.94
C GLN B 231 28.98 -26.24 6.55
N SER B 232 28.04 -25.54 7.18
CA SER B 232 26.63 -25.63 6.86
C SER B 232 26.15 -24.29 6.32
N ASP B 233 24.86 -24.24 5.96
CA ASP B 233 24.24 -23.01 5.49
C ASP B 233 23.54 -22.25 6.61
N ASP B 234 24.09 -22.28 7.82
CA ASP B 234 23.46 -21.66 8.97
C ASP B 234 24.24 -20.42 9.40
N LEU B 235 23.61 -19.66 10.30
CA LEU B 235 24.23 -18.46 10.83
C LEU B 235 25.45 -18.77 11.69
N LEU B 236 25.48 -19.95 12.33
CA LEU B 236 26.63 -20.32 13.14
C LEU B 236 27.90 -20.40 12.30
N THR B 237 27.81 -21.00 11.12
CA THR B 237 28.96 -21.05 10.22
C THR B 237 29.40 -19.64 9.82
N HIS B 238 28.45 -18.78 9.46
CA HIS B 238 28.80 -17.41 9.08
C HIS B 238 29.49 -16.68 10.23
N MET B 239 29.06 -16.94 11.46
CA MET B 239 29.67 -16.28 12.62
C MET B 239 31.04 -16.87 12.97
N LEU B 240 31.24 -18.17 12.75
CA LEU B 240 32.55 -18.75 13.00
C LEU B 240 33.57 -18.28 11.98
N ASN B 241 33.13 -17.91 10.79
CA ASN B 241 34.02 -17.51 9.71
C ASN B 241 34.07 -16.00 9.50
N GLY B 242 33.20 -15.24 10.16
CA GLY B 242 33.09 -13.83 9.87
C GLY B 242 34.11 -12.99 10.61
N LYS B 243 34.47 -11.86 10.00
CA LYS B 243 35.32 -10.87 10.62
C LYS B 243 34.72 -9.49 10.41
N ASP B 244 34.66 -8.72 11.49
CA ASP B 244 34.20 -7.34 11.43
C ASP B 244 35.10 -6.53 10.51
N PRO B 245 34.59 -5.97 9.42
CA PRO B 245 35.45 -5.14 8.56
C PRO B 245 36.05 -3.94 9.28
N GLU B 246 35.40 -3.44 10.33
CA GLU B 246 35.91 -2.28 11.04
C GLU B 246 37.11 -2.65 11.91
N THR B 247 36.90 -3.50 12.91
CA THR B 247 37.98 -3.88 13.81
C THR B 247 38.86 -5.01 13.27
N GLY B 248 38.43 -5.71 12.23
CA GLY B 248 39.15 -6.88 11.79
C GLY B 248 39.04 -8.08 12.70
N GLU B 249 38.21 -8.00 13.75
CA GLU B 249 38.05 -9.04 14.75
C GLU B 249 36.85 -9.91 14.44
N PRO B 250 36.92 -11.19 14.80
CA PRO B 250 35.72 -12.04 14.79
C PRO B 250 35.01 -11.99 16.14
N LEU B 251 33.77 -12.46 16.14
CA LEU B 251 33.06 -12.66 17.38
C LEU B 251 33.69 -13.81 18.16
N ASP B 252 33.79 -13.67 19.48
CA ASP B 252 34.26 -14.79 20.26
C ASP B 252 33.10 -15.76 20.55
N ASP B 253 33.45 -16.92 21.10
CA ASP B 253 32.47 -18.00 21.27
C ASP B 253 31.34 -17.62 22.20
N GLU B 254 31.61 -16.82 23.23
CA GLU B 254 30.54 -16.45 24.16
C GLU B 254 29.50 -15.58 23.47
N ASN B 255 29.95 -14.55 22.73
CA ASN B 255 29.01 -13.68 22.04
C ASN B 255 28.24 -14.44 20.97
N ILE B 256 28.89 -15.40 20.31
CA ILE B 256 28.20 -16.23 19.32
C ILE B 256 27.04 -16.97 19.97
N ARG B 257 27.29 -17.55 21.14
CA ARG B 257 26.21 -18.19 21.90
C ARG B 257 25.08 -17.21 22.21
N TYR B 258 25.44 -15.99 22.62
CA TYR B 258 24.40 -14.99 22.91
C TYR B 258 23.62 -14.58 21.67
N GLN B 259 24.28 -14.54 20.51
CA GLN B 259 23.54 -14.24 19.28
C GLN B 259 22.55 -15.34 18.95
N ILE B 260 22.95 -16.60 19.12
CA ILE B 260 22.06 -17.73 18.82
C ILE B 260 20.85 -17.70 19.75
N ILE B 261 21.10 -17.50 21.05
CA ILE B 261 20.00 -17.36 22.00
C ILE B 261 19.12 -16.17 21.60
N THR B 262 19.74 -15.09 21.15
CA THR B 262 18.99 -13.89 20.77
C THR B 262 18.09 -14.15 19.57
N PHE B 263 18.60 -14.85 18.54
CA PHE B 263 17.78 -15.15 17.38
C PHE B 263 16.52 -15.92 17.77
N LEU B 264 16.65 -16.88 18.68
CA LEU B 264 15.50 -17.65 19.13
C LEU B 264 14.54 -16.81 19.95
N ILE B 265 15.06 -15.98 20.86
CA ILE B 265 14.20 -15.12 21.67
C ILE B 265 13.46 -14.12 20.78
N ALA B 266 14.22 -13.37 19.98
CA ALA B 266 13.65 -12.27 19.23
C ALA B 266 12.77 -12.74 18.10
N GLY B 267 13.04 -13.92 17.54
CA GLY B 267 12.38 -14.32 16.32
C GLY B 267 11.20 -15.27 16.46
N HIS B 268 11.19 -16.12 17.49
CA HIS B 268 10.24 -17.24 17.48
C HIS B 268 8.82 -16.77 17.75
N GLU B 269 8.62 -15.90 18.74
CA GLU B 269 7.26 -15.54 19.13
C GLU B 269 6.72 -14.38 18.31
N THR B 270 7.58 -13.43 17.96
CA THR B 270 7.17 -12.35 17.05
C THR B 270 6.67 -12.92 15.73
N THR B 271 7.42 -13.88 15.16
CA THR B 271 7.05 -14.41 13.85
C THR B 271 5.84 -15.33 13.93
N SER B 272 5.74 -16.12 15.00
CA SER B 272 4.59 -17.00 15.14
C SER B 272 3.31 -16.22 15.42
N GLY B 273 3.42 -15.13 16.18
CA GLY B 273 2.26 -14.27 16.38
C GLY B 273 1.78 -13.62 15.10
N LEU B 274 2.72 -13.20 14.25
CA LEU B 274 2.35 -12.62 12.95
C LEU B 274 1.56 -13.61 12.11
N LEU B 275 2.07 -14.84 11.98
CA LEU B 275 1.33 -15.86 11.23
C LEU B 275 -0.03 -16.13 11.86
N SER B 276 -0.08 -16.16 13.20
CA SER B 276 -1.34 -16.42 13.89
C SER B 276 -2.33 -15.27 13.68
N PHE B 277 -1.85 -14.03 13.81
CA PHE B 277 -2.73 -12.88 13.55
C PHE B 277 -3.15 -12.81 12.10
N ALA B 278 -2.22 -13.13 11.18
CA ALA B 278 -2.56 -13.13 9.76
C ALA B 278 -3.71 -14.09 9.47
N LEU B 279 -3.58 -15.34 9.94
CA LEU B 279 -4.64 -16.33 9.70
C LEU B 279 -5.93 -15.91 10.39
N TYR B 280 -5.83 -15.30 11.57
CA TYR B 280 -7.03 -14.80 12.24
C TYR B 280 -7.78 -13.81 11.37
N PHE B 281 -7.08 -12.77 10.88
CA PHE B 281 -7.74 -11.77 10.06
C PHE B 281 -8.24 -12.34 8.75
N LEU B 282 -7.54 -13.33 8.20
CA LEU B 282 -7.99 -13.94 6.96
C LEU B 282 -9.32 -14.65 7.13
N VAL B 283 -9.44 -15.50 8.16
CA VAL B 283 -10.70 -16.21 8.37
C VAL B 283 -11.81 -15.28 8.82
N LYS B 284 -11.47 -14.13 9.42
CA LYS B 284 -12.48 -13.15 9.77
C LYS B 284 -12.86 -12.24 8.60
N ASN B 285 -12.12 -12.31 7.49
CA ASN B 285 -12.38 -11.49 6.31
C ASN B 285 -12.35 -12.40 5.09
N PRO B 286 -13.43 -13.14 4.84
CA PRO B 286 -13.40 -14.18 3.79
C PRO B 286 -13.06 -13.67 2.40
N HIS B 287 -13.45 -12.43 2.07
CA HIS B 287 -13.11 -11.90 0.74
C HIS B 287 -11.61 -11.69 0.60
N VAL B 288 -10.93 -11.30 1.68
CA VAL B 288 -9.49 -11.13 1.63
C VAL B 288 -8.80 -12.48 1.56
N LEU B 289 -9.30 -13.46 2.32
CA LEU B 289 -8.75 -14.82 2.24
C LEU B 289 -8.84 -15.36 0.82
N GLN B 290 -9.96 -15.11 0.14
CA GLN B 290 -10.12 -15.60 -1.23
C GLN B 290 -9.10 -14.94 -2.16
N LYS B 291 -8.83 -13.65 -1.96
CA LYS B 291 -7.79 -13.00 -2.74
C LYS B 291 -6.43 -13.62 -2.47
N ALA B 292 -6.12 -13.89 -1.20
CA ALA B 292 -4.82 -14.46 -0.85
C ALA B 292 -4.71 -15.91 -1.30
N ALA B 293 -5.81 -16.67 -1.21
CA ALA B 293 -5.78 -18.06 -1.65
C ALA B 293 -5.63 -18.17 -3.16
N GLU B 294 -6.27 -17.27 -3.91
CA GLU B 294 -6.11 -17.27 -5.36
C GLU B 294 -4.65 -17.03 -5.75
N GLU B 295 -4.00 -16.06 -5.10
CA GLU B 295 -2.60 -15.78 -5.42
C GLU B 295 -1.72 -16.99 -5.15
N ALA B 296 -1.87 -17.61 -3.99
CA ALA B 296 -1.05 -18.77 -3.64
C ALA B 296 -1.24 -19.90 -4.65
N ALA B 297 -2.49 -20.16 -5.05
CA ALA B 297 -2.74 -21.21 -6.04
C ALA B 297 -2.13 -20.86 -7.39
N ARG B 298 -2.22 -19.58 -7.77
CA ARG B 298 -1.70 -19.17 -9.08
C ARG B 298 -0.17 -19.15 -9.10
N VAL B 299 0.45 -18.78 -7.98
CA VAL B 299 1.90 -18.59 -7.95
C VAL B 299 2.64 -19.89 -7.61
N LEU B 300 2.14 -20.65 -6.64
CA LEU B 300 2.87 -21.81 -6.14
C LEU B 300 2.47 -23.07 -6.91
N VAL B 301 2.93 -23.11 -8.17
CA VAL B 301 2.54 -24.19 -9.08
C VAL B 301 3.39 -25.44 -8.93
N ASP B 302 4.40 -25.42 -8.07
CA ASP B 302 5.26 -26.58 -7.89
C ASP B 302 4.99 -27.23 -6.54
N PRO B 303 5.26 -28.54 -6.41
CA PRO B 303 5.00 -29.21 -5.12
C PRO B 303 5.72 -28.56 -3.95
N VAL B 304 6.86 -27.94 -4.20
CA VAL B 304 7.63 -27.26 -3.17
C VAL B 304 7.88 -25.82 -3.65
N PRO B 305 7.61 -24.81 -2.84
CA PRO B 305 7.83 -23.44 -3.31
C PRO B 305 9.31 -23.12 -3.43
N SER B 306 9.64 -22.37 -4.48
CA SER B 306 10.99 -21.87 -4.67
C SER B 306 11.14 -20.48 -4.06
N TYR B 307 12.39 -20.07 -3.90
CA TYR B 307 12.65 -18.71 -3.43
C TYR B 307 12.02 -17.69 -4.38
N LYS B 308 12.14 -17.93 -5.69
CA LYS B 308 11.58 -17.01 -6.68
C LYS B 308 10.06 -16.90 -6.53
N GLN B 309 9.39 -18.02 -6.29
CA GLN B 309 7.94 -18.02 -6.18
C GLN B 309 7.48 -17.26 -4.93
N VAL B 310 8.19 -17.41 -3.82
CA VAL B 310 7.83 -16.71 -2.59
C VAL B 310 7.87 -15.19 -2.81
N LYS B 311 8.88 -14.71 -3.54
CA LYS B 311 8.96 -13.28 -3.84
C LYS B 311 7.78 -12.81 -4.67
N GLN B 312 7.10 -13.72 -5.37
CA GLN B 312 5.95 -13.36 -6.21
C GLN B 312 4.65 -13.26 -5.42
N LEU B 313 4.64 -13.66 -4.15
CA LEU B 313 3.41 -13.64 -3.34
C LEU B 313 3.18 -12.22 -2.80
N LYS B 314 2.88 -11.33 -3.74
CA LYS B 314 2.73 -9.90 -3.41
C LYS B 314 1.58 -9.66 -2.45
N TYR B 315 0.41 -10.25 -2.74
CA TYR B 315 -0.75 -9.99 -1.89
C TYR B 315 -0.58 -10.62 -0.51
N VAL B 316 0.01 -11.82 -0.44
CA VAL B 316 0.32 -12.42 0.85
C VAL B 316 1.23 -11.49 1.65
N GLY B 317 2.21 -10.89 0.98
CA GLY B 317 3.05 -9.89 1.65
C GLY B 317 2.24 -8.73 2.19
N MET B 318 1.25 -8.28 1.41
CA MET B 318 0.38 -7.21 1.88
C MET B 318 -0.43 -7.64 3.08
N VAL B 319 -0.94 -8.87 3.06
CA VAL B 319 -1.70 -9.42 4.18
C VAL B 319 -0.86 -9.37 5.46
N LEU B 320 0.40 -9.80 5.36
CA LEU B 320 1.27 -9.82 6.54
C LEU B 320 1.55 -8.41 7.06
N ASN B 321 1.78 -7.45 6.15
CA ASN B 321 2.02 -6.08 6.60
C ASN B 321 0.82 -5.49 7.31
N GLU B 322 -0.39 -5.80 6.82
CA GLU B 322 -1.59 -5.29 7.47
C GLU B 322 -1.81 -5.95 8.82
N ALA B 323 -1.44 -7.23 8.94
CA ALA B 323 -1.48 -7.87 10.25
C ALA B 323 -0.47 -7.24 11.19
N LEU B 324 0.71 -6.91 10.67
CA LEU B 324 1.71 -6.18 11.45
C LEU B 324 1.24 -4.78 11.82
N ARG B 325 0.44 -4.15 10.96
CA ARG B 325 -0.08 -2.83 11.30
C ARG B 325 -1.00 -2.91 12.52
N LEU B 326 -1.99 -3.80 12.48
CA LEU B 326 -2.97 -3.85 13.56
C LEU B 326 -2.38 -4.39 14.85
N TRP B 327 -1.58 -5.45 14.77
CA TRP B 327 -1.01 -6.09 15.96
C TRP B 327 0.46 -6.39 15.74
N PRO B 328 1.32 -5.37 15.79
CA PRO B 328 2.76 -5.61 15.74
C PRO B 328 3.20 -6.43 16.95
N THR B 329 3.82 -7.57 16.68
CA THR B 329 4.04 -8.56 17.74
C THR B 329 5.21 -8.22 18.65
N ALA B 330 6.06 -7.28 18.27
CA ALA B 330 7.00 -6.64 19.20
C ALA B 330 6.48 -5.24 19.40
N PRO B 331 5.61 -5.01 20.39
CA PRO B 331 4.71 -3.85 20.36
C PRO B 331 5.32 -2.53 20.80
N ALA B 332 6.58 -2.51 21.25
CA ALA B 332 7.15 -1.25 21.69
C ALA B 332 8.67 -1.33 21.62
N PHE B 333 9.29 -0.16 21.56
CA PHE B 333 10.73 -0.04 21.75
C PHE B 333 11.02 1.29 22.45
N SER B 334 12.21 1.40 23.01
CA SER B 334 12.54 2.48 23.92
C SER B 334 13.71 3.29 23.37
N LEU B 335 13.69 4.58 23.66
CA LEU B 335 14.70 5.51 23.17
C LEU B 335 15.11 6.43 24.32
N TYR B 336 16.31 7.00 24.20
CA TYR B 336 16.75 8.04 25.12
C TYR B 336 17.32 9.21 24.33
N ALA B 337 17.16 10.41 24.89
CA ALA B 337 17.65 11.61 24.24
C ALA B 337 19.17 11.69 24.39
N LYS B 338 19.87 11.83 23.27
CA LYS B 338 21.33 11.92 23.31
C LYS B 338 21.78 13.24 23.93
N GLU B 339 21.03 14.32 23.71
CA GLU B 339 21.30 15.62 24.30
C GLU B 339 19.96 16.28 24.61
N ASP B 340 20.01 17.42 25.29
CA ASP B 340 18.80 18.23 25.47
C ASP B 340 18.20 18.55 24.11
N THR B 341 16.88 18.40 24.00
CA THR B 341 16.20 18.65 22.74
C THR B 341 14.73 18.90 23.00
N VAL B 342 14.07 19.53 22.03
CA VAL B 342 12.61 19.84 22.13
C VAL B 342 11.85 18.90 21.20
N LEU B 343 10.89 18.16 21.74
CA LEU B 343 10.13 17.18 20.91
C LEU B 343 8.79 17.80 20.50
N GLY B 344 8.57 17.95 19.17
CA GLY B 344 7.31 18.48 18.61
C GLY B 344 7.17 19.99 18.70
N GLY B 345 8.21 20.69 19.17
CA GLY B 345 8.21 22.15 19.34
C GLY B 345 7.57 22.59 20.65
N GLU B 346 7.05 21.66 21.46
CA GLU B 346 6.39 22.04 22.73
C GLU B 346 6.86 21.19 23.92
N TYR B 347 7.55 20.07 23.67
CA TYR B 347 7.96 19.23 24.83
C TYR B 347 9.49 19.24 25.00
N PRO B 348 10.01 19.97 26.01
CA PRO B 348 11.45 20.03 26.24
C PRO B 348 11.94 18.71 26.86
N LEU B 349 13.04 18.19 26.34
CA LEU B 349 13.61 16.90 26.86
C LEU B 349 15.06 17.12 27.28
N GLU B 350 15.43 16.58 28.44
CA GLU B 350 16.80 16.66 28.91
C GLU B 350 17.58 15.43 28.46
N LYS B 351 18.90 15.60 28.34
CA LYS B 351 19.77 14.48 27.98
C LYS B 351 19.48 13.27 28.86
N GLY B 352 19.29 12.12 28.21
CA GLY B 352 18.98 10.89 28.91
C GLY B 352 17.51 10.61 29.12
N ASP B 353 16.63 11.57 28.86
CA ASP B 353 15.20 11.33 29.03
C ASP B 353 14.74 10.20 28.13
N GLU B 354 13.82 9.38 28.65
CA GLU B 354 13.42 8.14 28.01
C GLU B 354 12.11 8.32 27.25
N LEU B 355 12.00 7.64 26.11
CA LEU B 355 10.77 7.57 25.35
C LEU B 355 10.43 6.12 25.02
N MET B 356 9.12 5.85 24.97
CA MET B 356 8.59 4.58 24.50
C MET B 356 7.72 4.83 23.27
N VAL B 357 7.95 4.03 22.22
CA VAL B 357 7.13 4.08 21.02
C VAL B 357 6.09 2.97 21.12
N LEU B 358 4.82 3.38 21.23
CA LEU B 358 3.72 2.44 21.40
C LEU B 358 3.23 2.08 20.00
N ILE B 359 3.81 1.03 19.44
CA ILE B 359 3.65 0.75 18.01
C ILE B 359 2.19 0.52 17.60
N PRO B 360 1.39 -0.27 18.32
CA PRO B 360 -0.01 -0.45 17.89
C PRO B 360 -0.79 0.85 17.83
N GLN B 361 -0.48 1.83 18.68
CA GLN B 361 -1.17 3.12 18.60
C GLN B 361 -0.68 3.91 17.39
N LEU B 362 0.64 3.93 17.17
CA LEU B 362 1.20 4.57 15.97
C LEU B 362 0.50 4.10 14.70
N HIS B 363 0.25 2.79 14.60
CA HIS B 363 -0.35 2.20 13.41
C HIS B 363 -1.85 2.48 13.32
N ARG B 364 -2.42 3.16 14.30
CA ARG B 364 -3.81 3.59 14.25
C ARG B 364 -3.94 5.10 14.14
N ASP B 365 -2.85 5.80 13.80
CA ASP B 365 -2.85 7.25 13.64
C ASP B 365 -3.77 7.64 12.49
N LYS B 366 -4.93 8.22 12.82
CA LYS B 366 -5.91 8.54 11.79
C LYS B 366 -5.41 9.61 10.82
N THR B 367 -4.50 10.48 11.25
CA THR B 367 -3.95 11.47 10.34
C THR B 367 -3.11 10.83 9.24
N ILE B 368 -2.64 9.60 9.45
CA ILE B 368 -1.86 8.86 8.46
C ILE B 368 -2.74 7.89 7.68
N TRP B 369 -3.55 7.09 8.38
CA TRP B 369 -4.22 5.94 7.78
C TRP B 369 -5.69 6.19 7.45
N GLY B 370 -6.28 7.27 7.93
CA GLY B 370 -7.69 7.52 7.71
C GLY B 370 -8.55 7.11 8.89
N ASP B 371 -9.87 7.14 8.65
CA ASP B 371 -10.82 6.90 9.73
C ASP B 371 -11.04 5.41 10.01
N ASP B 372 -10.82 4.54 9.03
CA ASP B 372 -11.11 3.11 9.17
C ASP B 372 -9.93 2.31 9.72
N VAL B 373 -9.21 2.82 10.72
CA VAL B 373 -7.95 2.20 11.14
C VAL B 373 -8.13 0.79 11.68
N GLU B 374 -9.33 0.44 12.14
CA GLU B 374 -9.53 -0.88 12.73
C GLU B 374 -9.90 -1.93 11.70
N GLU B 375 -10.11 -1.55 10.44
CA GLU B 375 -10.46 -2.52 9.41
C GLU B 375 -9.21 -3.16 8.85
N PHE B 376 -9.30 -4.44 8.52
CA PHE B 376 -8.19 -5.20 7.95
C PHE B 376 -8.28 -5.06 6.43
N ARG B 377 -7.42 -4.23 5.85
CA ARG B 377 -7.41 -3.99 4.41
C ARG B 377 -5.97 -4.05 3.90
N PRO B 378 -5.52 -5.20 3.41
CA PRO B 378 -4.15 -5.29 2.88
C PRO B 378 -3.87 -4.31 1.76
N GLU B 379 -4.91 -3.82 1.08
CA GLU B 379 -4.73 -2.89 -0.03
C GLU B 379 -4.07 -1.58 0.40
N ARG B 380 -4.05 -1.29 1.72
CA ARG B 380 -3.26 -0.17 2.22
C ARG B 380 -1.81 -0.27 1.77
N PHE B 381 -1.32 -1.49 1.55
CA PHE B 381 0.08 -1.73 1.22
C PHE B 381 0.27 -2.15 -0.24
N GLU B 382 -0.68 -1.79 -1.11
CA GLU B 382 -0.56 -2.14 -2.53
C GLU B 382 0.66 -1.49 -3.16
N ASN B 383 0.92 -0.23 -2.84
CA ASN B 383 2.08 0.50 -3.33
C ASN B 383 2.86 1.02 -2.12
N PRO B 384 3.90 0.30 -1.68
CA PRO B 384 4.60 0.66 -0.44
C PRO B 384 5.08 2.10 -0.38
N SER B 385 5.35 2.73 -1.53
CA SER B 385 5.91 4.07 -1.52
C SER B 385 4.91 5.11 -1.04
N ALA B 386 3.61 4.79 -1.01
CA ALA B 386 2.62 5.74 -0.55
C ALA B 386 2.65 5.95 0.95
N ILE B 387 3.29 5.05 1.69
CA ILE B 387 3.27 5.11 3.16
C ILE B 387 4.29 6.15 3.62
N PRO B 388 3.88 7.13 4.44
CA PRO B 388 4.83 8.16 4.89
C PRO B 388 5.94 7.58 5.75
N GLN B 389 7.00 8.36 5.91
CA GLN B 389 8.16 7.91 6.67
C GLN B 389 7.83 7.81 8.16
N HIS B 390 8.27 6.72 8.78
CA HIS B 390 8.13 6.47 10.21
C HIS B 390 6.67 6.34 10.64
N ALA B 391 5.77 6.02 9.72
CA ALA B 391 4.38 5.76 10.07
C ALA B 391 4.11 4.28 10.34
N PHE B 392 4.97 3.39 9.84
CA PHE B 392 4.78 1.95 9.93
C PHE B 392 6.10 1.37 10.40
N LYS B 393 6.17 1.01 11.70
CA LYS B 393 7.44 0.62 12.33
C LYS B 393 7.33 -0.71 13.08
N PRO B 394 6.81 -1.77 12.45
CA PRO B 394 6.74 -3.05 13.16
C PRO B 394 8.10 -3.66 13.44
N PHE B 395 9.15 -3.19 12.78
CA PHE B 395 10.51 -3.73 12.93
C PHE B 395 11.47 -2.72 13.54
N GLY B 396 10.98 -1.73 14.27
CA GLY B 396 11.87 -0.79 14.93
C GLY B 396 12.39 0.28 14.00
N ASN B 397 13.53 0.86 14.36
CA ASN B 397 14.01 2.05 13.68
C ASN B 397 15.52 2.02 13.49
N GLY B 398 15.96 2.50 12.32
CA GLY B 398 17.34 2.85 12.04
C GLY B 398 18.29 1.67 12.13
N GLN B 399 19.52 1.96 12.58
CA GLN B 399 20.52 0.91 12.72
C GLN B 399 20.16 -0.10 13.80
N ARG B 400 19.29 0.27 14.74
CA ARG B 400 18.79 -0.67 15.74
C ARG B 400 17.49 -1.34 15.29
N ALA B 401 17.18 -1.30 14.00
CA ALA B 401 16.01 -1.99 13.50
C ALA B 401 16.23 -3.50 13.54
N CYS B 402 15.14 -4.23 13.31
CA CYS B 402 15.19 -5.69 13.32
C CYS B 402 16.12 -6.20 12.23
N ILE B 403 17.20 -6.88 12.63
CA ILE B 403 18.07 -7.48 11.64
C ILE B 403 17.42 -8.67 10.96
N GLY B 404 16.43 -9.30 11.60
CA GLY B 404 15.74 -10.44 11.06
C GLY B 404 14.50 -10.14 10.24
N GLN B 405 14.30 -8.89 9.84
CA GLN B 405 13.08 -8.51 9.11
C GLN B 405 12.90 -9.35 7.84
N GLN B 406 13.95 -9.45 7.03
CA GLN B 406 13.84 -10.23 5.79
C GLN B 406 13.63 -11.70 6.08
N PHE B 407 14.32 -12.24 7.09
CA PHE B 407 14.11 -13.62 7.53
C PHE B 407 12.66 -13.84 7.93
N ALA B 408 12.13 -12.95 8.77
CA ALA B 408 10.79 -13.12 9.31
C ALA B 408 9.74 -13.06 8.20
N LEU B 409 9.85 -12.07 7.31
CA LEU B 409 8.84 -11.92 6.28
C LEU B 409 8.97 -13.01 5.21
N HIS B 410 10.19 -13.48 4.94
CA HIS B 410 10.34 -14.59 3.99
C HIS B 410 9.70 -15.86 4.52
N GLU B 411 9.97 -16.20 5.78
CA GLU B 411 9.38 -17.41 6.36
C GLU B 411 7.86 -17.29 6.41
N ALA B 412 7.35 -16.15 6.90
CA ALA B 412 5.91 -15.98 7.04
C ALA B 412 5.21 -15.98 5.69
N THR B 413 5.84 -15.38 4.67
CA THR B 413 5.25 -15.41 3.34
C THR B 413 5.23 -16.82 2.78
N LEU B 414 6.32 -17.56 2.95
CA LEU B 414 6.39 -18.94 2.49
C LEU B 414 5.35 -19.81 3.20
N VAL B 415 5.25 -19.68 4.53
CA VAL B 415 4.38 -20.57 5.30
C VAL B 415 2.91 -20.24 5.04
N LEU B 416 2.55 -18.95 5.09
CA LEU B 416 1.16 -18.58 4.84
C LEU B 416 0.73 -18.95 3.42
N GLY B 417 1.63 -18.73 2.44
CA GLY B 417 1.33 -19.15 1.09
C GLY B 417 1.04 -20.63 0.96
N MET B 418 1.86 -21.47 1.62
CA MET B 418 1.63 -22.91 1.55
C MET B 418 0.35 -23.29 2.28
N MET B 419 0.06 -22.66 3.42
CA MET B 419 -1.19 -22.91 4.13
C MET B 419 -2.38 -22.60 3.24
N LEU B 420 -2.34 -21.46 2.56
CA LEU B 420 -3.45 -21.06 1.71
C LEU B 420 -3.52 -21.91 0.45
N LYS B 421 -2.39 -22.47 0.01
CA LYS B 421 -2.40 -23.35 -1.16
C LYS B 421 -3.08 -24.69 -0.85
N HIS B 422 -2.80 -25.26 0.33
CA HIS B 422 -3.14 -26.65 0.58
C HIS B 422 -4.43 -26.86 1.35
N PHE B 423 -4.99 -25.82 1.98
CA PHE B 423 -6.15 -26.02 2.84
C PHE B 423 -7.15 -24.89 2.67
N ASP B 424 -8.43 -25.25 2.85
CA ASP B 424 -9.47 -24.29 3.20
C ASP B 424 -9.60 -24.27 4.72
N PHE B 425 -9.84 -23.09 5.27
CA PHE B 425 -9.89 -22.91 6.72
C PHE B 425 -11.29 -22.53 7.17
N GLU B 426 -11.69 -23.05 8.33
CA GLU B 426 -13.00 -22.74 8.91
C GLU B 426 -12.80 -22.23 10.32
N ASP B 427 -13.40 -21.07 10.60
CA ASP B 427 -13.45 -20.50 11.95
C ASP B 427 -14.62 -21.18 12.69
N HIS B 428 -14.38 -22.43 13.08
CA HIS B 428 -15.49 -23.29 13.48
C HIS B 428 -16.04 -22.96 14.85
N THR B 429 -15.31 -22.22 15.67
CA THR B 429 -15.80 -21.82 16.98
C THR B 429 -16.27 -20.37 17.00
N ASN B 430 -16.23 -19.67 15.87
CA ASN B 430 -16.42 -18.22 15.81
C ASN B 430 -15.55 -17.55 16.87
N TYR B 431 -14.24 -17.79 16.74
CA TYR B 431 -13.27 -17.41 17.77
C TYR B 431 -13.34 -15.93 18.10
N GLU B 432 -13.37 -15.63 19.40
CA GLU B 432 -13.37 -14.26 19.89
C GLU B 432 -11.94 -13.87 20.22
N LEU B 433 -11.44 -12.80 19.58
CA LEU B 433 -10.06 -12.40 19.73
C LEU B 433 -9.73 -12.13 21.20
N ASP B 434 -8.68 -12.79 21.69
CA ASP B 434 -8.19 -12.63 23.05
C ASP B 434 -6.68 -12.59 22.97
N ILE B 435 -6.09 -11.41 23.13
CA ILE B 435 -4.68 -11.21 22.88
C ILE B 435 -3.90 -11.40 24.19
N LYS B 436 -3.15 -12.51 24.27
CA LYS B 436 -2.30 -12.77 25.41
C LYS B 436 -1.00 -12.00 25.28
N GLU B 437 -0.54 -11.44 26.41
CA GLU B 437 0.64 -10.60 26.43
C GLU B 437 1.74 -11.26 27.25
N THR B 438 2.86 -11.52 26.61
CA THR B 438 4.12 -11.82 27.29
C THR B 438 5.06 -10.64 27.05
N LEU B 439 6.26 -10.83 26.52
CA LEU B 439 6.93 -9.70 25.91
C LEU B 439 6.43 -9.44 24.49
N THR B 440 5.64 -10.37 23.93
CA THR B 440 5.05 -10.26 22.60
C THR B 440 3.55 -10.45 22.70
N LEU B 441 2.87 -10.34 21.55
CA LEU B 441 1.42 -10.47 21.48
C LEU B 441 1.05 -11.66 20.61
N LYS B 442 -0.06 -12.33 20.98
CA LYS B 442 -0.55 -13.46 20.22
C LYS B 442 -2.03 -13.66 20.52
N PRO B 443 -2.79 -14.23 19.58
CA PRO B 443 -4.21 -14.51 19.86
C PRO B 443 -4.41 -15.82 20.60
N GLU B 444 -4.57 -15.76 21.92
CA GLU B 444 -4.64 -16.97 22.73
C GLU B 444 -5.90 -17.77 22.41
N GLY B 445 -5.75 -19.09 22.36
CA GLY B 445 -6.87 -19.97 22.11
C GLY B 445 -7.40 -19.96 20.70
N PHE B 446 -6.72 -19.31 19.76
CA PHE B 446 -7.18 -19.27 18.37
C PHE B 446 -7.09 -20.67 17.77
N VAL B 447 -8.23 -21.20 17.34
CA VAL B 447 -8.31 -22.53 16.76
C VAL B 447 -9.09 -22.47 15.46
N VAL B 448 -8.72 -23.34 14.52
CA VAL B 448 -9.40 -23.46 13.24
C VAL B 448 -9.47 -24.93 12.86
N LYS B 449 -10.37 -25.24 11.94
CA LYS B 449 -10.38 -26.51 11.25
C LYS B 449 -9.86 -26.29 9.84
N ALA B 450 -9.04 -27.22 9.36
CA ALA B 450 -8.47 -27.14 8.02
C ALA B 450 -8.97 -28.33 7.21
N LYS B 451 -9.58 -28.04 6.07
CA LYS B 451 -10.01 -29.06 5.12
C LYS B 451 -9.03 -29.09 3.97
N SER B 452 -8.34 -30.22 3.79
CA SER B 452 -7.30 -30.34 2.80
C SER B 452 -7.85 -30.23 1.38
N LYS B 453 -7.10 -29.55 0.51
CA LYS B 453 -7.41 -29.50 -0.92
C LYS B 453 -6.80 -30.68 -1.69
N LYS B 454 -6.11 -31.59 -1.01
CA LYS B 454 -5.57 -32.81 -1.60
C LYS B 454 -4.55 -32.52 -2.69
N ILE B 455 -3.72 -31.50 -2.46
CA ILE B 455 -2.63 -31.14 -3.38
C ILE B 455 -1.35 -31.75 -2.82
N PRO B 456 -0.70 -32.66 -3.54
CA PRO B 456 0.47 -33.34 -2.99
C PRO B 456 1.69 -32.42 -2.88
N LEU B 457 2.64 -32.84 -2.05
CA LEU B 457 3.87 -32.11 -1.83
C LEU B 457 5.02 -32.71 -2.63
C01 I7X C 1 -4.85 5.78 -25.22
C02 I7X C 1 -5.16 4.40 -25.78
C27 I7X C 1 -5.47 5.86 -23.83
C28 I7X C 1 -5.56 7.29 -23.31
C29 I7X C 1 -4.21 7.76 -22.77
C30 I7X C 1 -4.32 9.16 -22.18
C32 I7X C 1 -4.11 7.97 -20.03
C33 I7X C 1 -4.54 8.19 -18.74
C35 I7X C 1 -5.24 9.80 -19.97
N31 I7X C 1 -4.55 8.99 -20.75
N34 I7X C 1 -5.24 9.31 -18.76
O26 I7X C 1 -4.50 3.46 -25.46
N TYR C 2 -6.27 4.25 -26.69
CA TYR C 2 -6.66 2.97 -27.26
C TYR C 2 -5.55 2.33 -28.09
N ALN C 3 -4.41 3.12 -28.54
CA ALN C 3 -3.38 2.51 -29.35
C ALN C 3 -2.13 3.37 -29.29
O ALN C 3 -0.99 2.89 -29.57
CB ALN C 3 -3.97 2.44 -30.76
CG1 ALN C 3 -3.01 2.54 -31.94
CD1 ALN C 3 -2.69 3.77 -32.50
CE1 ALN C 3 -1.83 3.84 -33.59
CD2 ALN C 3 -2.47 1.36 -32.49
CE2 ALN C 3 -1.61 1.42 -33.55
CZ1 ALN C 3 -1.28 2.67 -34.12
CG2 ALN C 3 -2.79 0.11 -31.91
CD3 ALN C 3 -2.25 -1.05 -32.43
CE3 ALN C 3 -1.38 -0.99 -33.52
CZ2 ALN C 3 -1.06 0.24 -34.09
OXT ALN C 3 -2.23 4.58 -28.93
C01 I7X D 1 8.98 -4.64 25.56
C02 I7X D 1 8.23 -3.37 25.93
C27 I7X D 1 8.85 -4.85 24.04
C28 I7X D 1 9.23 -6.26 23.60
C29 I7X D 1 10.74 -6.45 23.54
C30 I7X D 1 11.11 -7.85 23.02
C32 I7X D 1 11.84 -6.75 20.92
C33 I7X D 1 11.90 -7.14 19.60
C35 I7X D 1 11.13 -8.77 20.75
N31 I7X D 1 11.36 -7.79 21.59
N34 I7X D 1 11.45 -8.37 19.54
O26 I7X D 1 8.73 -2.31 25.75
N TYR D 2 6.90 -3.49 26.49
CA TYR D 2 6.09 -2.33 26.85
C TYR D 2 6.69 -1.45 27.94
N ALN D 3 7.78 -1.93 28.79
CA ALN D 3 8.32 -1.08 29.83
C ALN D 3 9.69 -1.60 30.24
O ALN D 3 9.95 -2.83 30.09
CB ALN D 3 7.33 -1.17 30.99
CG1 ALN D 3 7.86 -1.02 32.43
CD1 ALN D 3 8.26 -2.12 33.16
CE1 ALN D 3 8.73 -1.98 34.46
CD2 ALN D 3 7.91 0.27 33.02
CE2 ALN D 3 8.37 0.41 34.30
CZ1 ALN D 3 8.79 -0.72 35.03
CG2 ALN D 3 7.49 1.39 32.29
CD3 ALN D 3 7.54 2.65 32.86
CE3 ALN D 3 8.01 2.80 34.16
CZ2 ALN D 3 8.42 1.69 34.88
OXT ALN D 3 10.57 -0.82 30.69
CHA HEM E . -2.22 7.76 -15.01
CHB HEM E . -7.01 7.30 -15.39
CHC HEM E . -7.70 11.62 -13.25
CHD HEM E . -2.88 12.27 -13.33
C1A HEM E . -3.46 7.24 -15.28
C2A HEM E . -3.74 5.95 -15.86
C3A HEM E . -5.06 5.83 -15.97
C4A HEM E . -5.67 7.04 -15.46
CMA HEM E . -5.83 4.60 -16.54
CAA HEM E . -2.66 4.93 -16.28
CBA HEM E . -2.40 5.12 -17.77
CGA HEM E . -1.33 4.18 -18.26
O1A HEM E . -0.74 4.46 -19.33
O2A HEM E . -1.07 3.14 -17.60
C1B HEM E . -7.62 8.41 -14.85
C2B HEM E . -9.04 8.63 -14.78
C3B HEM E . -9.28 9.79 -14.17
C4B HEM E . -7.98 10.41 -13.87
CMB HEM E . -10.12 7.65 -15.27
CAB HEM E . -10.72 10.30 -13.99
CBB HEM E . -11.22 10.78 -12.86
C1C HEM E . -6.44 12.16 -13.05
C2C HEM E . -6.13 13.38 -12.33
C3C HEM E . -4.79 13.57 -12.36
C4C HEM E . -4.22 12.45 -13.09
CMC HEM E . -7.20 14.29 -11.68
CAC HEM E . -3.92 14.70 -11.76
CBC HEM E . -4.32 15.54 -10.79
C1D HEM E . -2.28 11.10 -13.76
C2D HEM E . -0.85 10.84 -13.82
C3D HEM E . -0.67 9.60 -14.28
C4D HEM E . -1.97 9.02 -14.53
CMD HEM E . 0.27 11.83 -13.42
CAD HEM E . 0.69 8.88 -14.50
CBD HEM E . 1.08 8.15 -13.22
CGD HEM E . 2.40 7.44 -13.37
O1D HEM E . 3.27 7.58 -12.47
O2D HEM E . 2.59 6.72 -14.39
NA HEM E . -4.67 7.88 -15.06
NB HEM E . -7.01 9.52 -14.29
NC HEM E . -5.25 11.62 -13.50
ND HEM E . -2.93 9.97 -14.20
FE HEM E . -4.96 9.69 -14.12
CHA HEM F . 15.19 -6.09 16.80
CHB HEM F . 10.53 -6.81 15.70
CHC HEM F . 11.50 -11.22 13.88
CHD HEM F . 16.09 -10.67 15.43
C1A HEM F . 13.83 -5.89 16.66
C2A HEM F . 13.09 -4.71 17.05
C3A HEM F . 11.81 -4.91 16.74
C4A HEM F . 11.69 -6.23 16.15
CMA HEM F . 10.64 -3.94 16.97
CAA HEM F . 13.71 -3.44 17.70
CBA HEM F . 13.50 -3.54 19.21
CGA HEM F . 14.11 -2.35 19.93
O1A HEM F . 14.33 -2.46 21.16
O2A HEM F . 14.35 -1.30 19.28
C1B HEM F . 10.38 -8.05 15.11
C2B HEM F . 9.14 -8.60 14.64
C3B HEM F . 9.37 -9.80 14.11
C4B HEM F . 10.80 -10.09 14.26
CMB HEM F . 7.75 -7.92 14.69
CAB HEM F . 8.21 -10.65 13.55
CBB HEM F . 8.21 -11.26 12.38
C1C HEM F . 12.85 -11.44 14.11
C2C HEM F . 13.63 -12.60 13.68
C3C HEM F . 14.89 -12.45 14.11
C4C HEM F . 14.97 -11.19 14.83
CMC HEM F . 13.03 -13.77 12.86
CAC HEM F . 16.12 -13.38 13.94
CBC HEM F . 16.24 -14.34 13.02
C1D HEM F . 16.26 -9.39 15.92
C2D HEM F . 17.50 -8.82 16.42
C3D HEM F . 17.25 -7.55 16.80
C4D HEM F . 15.85 -7.28 16.54
CMD HEM F . 18.85 -9.54 16.50
CAD HEM F . 18.27 -6.56 17.38
CBD HEM F . 18.94 -5.81 16.23
CGD HEM F . 19.96 -4.81 16.71
O1D HEM F . 21.10 -4.83 16.19
O2D HEM F . 19.63 -4.00 17.62
NA HEM F . 12.95 -6.80 16.12
NB HEM F . 11.37 -8.98 14.87
NC HEM F . 13.71 -10.61 14.81
ND HEM F . 15.29 -8.42 16.01
FE HEM F . 13.36 -8.68 15.39
#